data_1FIM
# 
_entry.id   1FIM 
# 
_audit_conform.dict_name       mmcif_pdbx.dic 
_audit_conform.dict_version    5.398 
_audit_conform.dict_location   http://mmcif.pdb.org/dictionaries/ascii/mmcif_pdbx.dic 
# 
loop_
_database_2.database_id 
_database_2.database_code 
_database_2.pdbx_database_accession 
_database_2.pdbx_DOI 
PDB   1FIM         pdb_00001fim 10.2210/pdb1fim/pdb 
WWPDB D_1000173300 ?            ?                   
# 
loop_
_pdbx_audit_revision_history.ordinal 
_pdbx_audit_revision_history.data_content_type 
_pdbx_audit_revision_history.major_revision 
_pdbx_audit_revision_history.minor_revision 
_pdbx_audit_revision_history.revision_date 
1 'Structure model' 1 0 1996-07-11 
2 'Structure model' 1 1 2008-03-24 
3 'Structure model' 1 2 2011-07-13 
4 'Structure model' 1 3 2017-11-29 
5 'Structure model' 1 4 2021-11-03 
6 'Structure model' 1 5 2022-12-21 
7 'Structure model' 1 6 2024-11-13 
# 
_pdbx_audit_revision_details.ordinal             1 
_pdbx_audit_revision_details.revision_ordinal    1 
_pdbx_audit_revision_details.data_content_type   'Structure model' 
_pdbx_audit_revision_details.provider            repository 
_pdbx_audit_revision_details.type                'Initial release' 
_pdbx_audit_revision_details.description         ? 
_pdbx_audit_revision_details.details             ? 
# 
loop_
_pdbx_audit_revision_group.ordinal 
_pdbx_audit_revision_group.revision_ordinal 
_pdbx_audit_revision_group.data_content_type 
_pdbx_audit_revision_group.group 
1 2 'Structure model' 'Version format compliance' 
2 3 'Structure model' 'Version format compliance' 
3 4 'Structure model' 'Derived calculations'      
4 4 'Structure model' Other                       
5 5 'Structure model' 'Database references'       
6 5 'Structure model' 'Derived calculations'      
7 6 'Structure model' 'Database references'       
8 7 'Structure model' 'Data collection'           
9 7 'Structure model' 'Structure summary'         
# 
loop_
_pdbx_audit_revision_category.ordinal 
_pdbx_audit_revision_category.revision_ordinal 
_pdbx_audit_revision_category.data_content_type 
_pdbx_audit_revision_category.category 
1  4 'Structure model' pdbx_database_status      
2  4 'Structure model' struct_conf               
3  4 'Structure model' struct_conf_type          
4  5 'Structure model' database_2                
5  5 'Structure model' struct_conn               
6  5 'Structure model' struct_ref_seq_dif        
7  6 'Structure model' struct_ref_seq_dif        
8  7 'Structure model' chem_comp_atom            
9  7 'Structure model' chem_comp_bond            
10 7 'Structure model' pdbx_entry_details        
11 7 'Structure model' pdbx_modification_feature 
# 
loop_
_pdbx_audit_revision_item.ordinal 
_pdbx_audit_revision_item.revision_ordinal 
_pdbx_audit_revision_item.data_content_type 
_pdbx_audit_revision_item.item 
1 4 'Structure model' '_pdbx_database_status.process_site'  
2 5 'Structure model' '_database_2.pdbx_DOI'                
3 5 'Structure model' '_database_2.pdbx_database_accession' 
4 5 'Structure model' '_struct_conn.pdbx_leaving_atom_flag' 
5 5 'Structure model' '_struct_ref_seq_dif.details'         
6 6 'Structure model' '_struct_ref_seq_dif.details'         
# 
_pdbx_database_status.status_code                     REL 
_pdbx_database_status.entry_id                        1FIM 
_pdbx_database_status.recvd_initial_deposition_date   1996-01-31 
_pdbx_database_status.deposit_site                    ? 
_pdbx_database_status.process_site                    BNL 
_pdbx_database_status.SG_entry                        . 
_pdbx_database_status.pdb_format_compatible           Y 
_pdbx_database_status.status_code_mr                  ? 
_pdbx_database_status.status_code_sf                  ? 
_pdbx_database_status.status_code_cs                  ? 
_pdbx_database_status.methods_development_category    ? 
_pdbx_database_status.status_code_nmr_data            ? 
# 
loop_
_audit_author.name 
_audit_author.pdbx_ordinal 
'Suzuki, M.'   1 
'Sugimoto, H.' 2 
'Nakagawa, A.' 3 
'Tanaka, I.'   4 
# 
loop_
_citation.id 
_citation.title 
_citation.journal_abbrev 
_citation.journal_volume 
_citation.page_first 
_citation.page_last 
_citation.year 
_citation.journal_id_ASTM 
_citation.country 
_citation.journal_id_ISSN 
_citation.journal_id_CSD 
_citation.book_publisher 
_citation.pdbx_database_id_PubMed 
_citation.pdbx_database_id_DOI 
primary 'Crystal structure of the macrophage migration inhibitory factor from rat liver.'      Nat.Struct.Biol. 3   259 266 1996 
NSBIEW US 1072-8368 2024 ? 8605628 10.1038/nsb0396-259 
1       'Crystallization of Rat Liver Macrophage Migration Inhibitory Factor for MAD Analysis' J.Struct.Biol.   115 331 ?   1995 
JSBIEM US 1047-8477 0803 ? ?       ?                   
# 
loop_
_citation_author.citation_id 
_citation_author.name 
_citation_author.ordinal 
_citation_author.identifier_ORCID 
primary 'Suzuki, M.'    1  ? 
primary 'Sugimoto, H.'  2  ? 
primary 'Nakagawa, A.'  3  ? 
primary 'Tanaka, I.'    4  ? 
primary 'Nishihira, J.' 5  ? 
primary 'Sakai, M.'     6  ? 
1       'Sugimoto, H.'  7  ? 
1       'Suzuki, M.'    8  ? 
1       'Nakagawa, A.'  9  ? 
1       'Tanaka, I.'    10 ? 
1       'Fujinaga, M.'  11 ? 
1       'Nishihira, J.' 12 ? 
# 
_entity.id                         1 
_entity.type                       polymer 
_entity.src_method                 man 
_entity.pdbx_description           'MACROPHAGE MIGRATION INHIBITORY FACTOR' 
_entity.formula_weight             12282.658 
_entity.pdbx_number_of_molecules   1 
_entity.pdbx_ec                    ? 
_entity.pdbx_mutation              'M2A, M101A' 
_entity.pdbx_fragment              ? 
_entity.details                    'SELENOMETHIONYL PROTEIN (MET 47)' 
# 
_entity_poly.entity_id                      1 
_entity_poly.type                           'polypeptide(L)' 
_entity_poly.nstd_linkage                   no 
_entity_poly.nstd_monomer                   yes 
_entity_poly.pdbx_seq_one_letter_code       
;PAFIVNTNVPRASVPEGFLSELTQQLAQATGKPAQYIAVHVVPDQL(MSE)TFSGTSDPCALCSLHSIGKIGGAQNRNYS
KLLCGLLSDRLHISPDRVYINYYDANAANVGWNGSTFA
;
_entity_poly.pdbx_seq_one_letter_code_can   
;PAFIVNTNVPRASVPEGFLSELTQQLAQATGKPAQYIAVHVVPDQLMTFSGTSDPCALCSLHSIGKIGGAQNRNYSKLLC
GLLSDRLHISPDRVYINYYDANAANVGWNGSTFA
;
_entity_poly.pdbx_strand_id                 A 
_entity_poly.pdbx_target_identifier         ? 
# 
loop_
_entity_poly_seq.entity_id 
_entity_poly_seq.num 
_entity_poly_seq.mon_id 
_entity_poly_seq.hetero 
1 1   PRO n 
1 2   ALA n 
1 3   PHE n 
1 4   ILE n 
1 5   VAL n 
1 6   ASN n 
1 7   THR n 
1 8   ASN n 
1 9   VAL n 
1 10  PRO n 
1 11  ARG n 
1 12  ALA n 
1 13  SER n 
1 14  VAL n 
1 15  PRO n 
1 16  GLU n 
1 17  GLY n 
1 18  PHE n 
1 19  LEU n 
1 20  SER n 
1 21  GLU n 
1 22  LEU n 
1 23  THR n 
1 24  GLN n 
1 25  GLN n 
1 26  LEU n 
1 27  ALA n 
1 28  GLN n 
1 29  ALA n 
1 30  THR n 
1 31  GLY n 
1 32  LYS n 
1 33  PRO n 
1 34  ALA n 
1 35  GLN n 
1 36  TYR n 
1 37  ILE n 
1 38  ALA n 
1 39  VAL n 
1 40  HIS n 
1 41  VAL n 
1 42  VAL n 
1 43  PRO n 
1 44  ASP n 
1 45  GLN n 
1 46  LEU n 
1 47  MSE n 
1 48  THR n 
1 49  PHE n 
1 50  SER n 
1 51  GLY n 
1 52  THR n 
1 53  SER n 
1 54  ASP n 
1 55  PRO n 
1 56  CYS n 
1 57  ALA n 
1 58  LEU n 
1 59  CYS n 
1 60  SER n 
1 61  LEU n 
1 62  HIS n 
1 63  SER n 
1 64  ILE n 
1 65  GLY n 
1 66  LYS n 
1 67  ILE n 
1 68  GLY n 
1 69  GLY n 
1 70  ALA n 
1 71  GLN n 
1 72  ASN n 
1 73  ARG n 
1 74  ASN n 
1 75  TYR n 
1 76  SER n 
1 77  LYS n 
1 78  LEU n 
1 79  LEU n 
1 80  CYS n 
1 81  GLY n 
1 82  LEU n 
1 83  LEU n 
1 84  SER n 
1 85  ASP n 
1 86  ARG n 
1 87  LEU n 
1 88  HIS n 
1 89  ILE n 
1 90  SER n 
1 91  PRO n 
1 92  ASP n 
1 93  ARG n 
1 94  VAL n 
1 95  TYR n 
1 96  ILE n 
1 97  ASN n 
1 98  TYR n 
1 99  TYR n 
1 100 ASP n 
1 101 ALA n 
1 102 ASN n 
1 103 ALA n 
1 104 ALA n 
1 105 ASN n 
1 106 VAL n 
1 107 GLY n 
1 108 TRP n 
1 109 ASN n 
1 110 GLY n 
1 111 SER n 
1 112 THR n 
1 113 PHE n 
1 114 ALA n 
# 
_entity_src_gen.entity_id                          1 
_entity_src_gen.pdbx_src_id                        1 
_entity_src_gen.pdbx_alt_source_flag               sample 
_entity_src_gen.pdbx_seq_type                      ? 
_entity_src_gen.pdbx_beg_seq_num                   ? 
_entity_src_gen.pdbx_end_seq_num                   ? 
_entity_src_gen.gene_src_common_name               'Norway rat' 
_entity_src_gen.gene_src_genus                     Rattus 
_entity_src_gen.pdbx_gene_src_gene                 ? 
_entity_src_gen.gene_src_species                   ? 
_entity_src_gen.gene_src_strain                    ? 
_entity_src_gen.gene_src_tissue                    ? 
_entity_src_gen.gene_src_tissue_fraction           ? 
_entity_src_gen.gene_src_details                   ? 
_entity_src_gen.pdbx_gene_src_fragment             ? 
_entity_src_gen.pdbx_gene_src_scientific_name      'Rattus norvegicus' 
_entity_src_gen.pdbx_gene_src_ncbi_taxonomy_id     10116 
_entity_src_gen.pdbx_gene_src_variant              ? 
_entity_src_gen.pdbx_gene_src_cell_line            ? 
_entity_src_gen.pdbx_gene_src_atcc                 ? 
_entity_src_gen.pdbx_gene_src_organ                LIVER 
_entity_src_gen.pdbx_gene_src_organelle            ? 
_entity_src_gen.pdbx_gene_src_cell                 ? 
_entity_src_gen.pdbx_gene_src_cellular_location    ? 
_entity_src_gen.host_org_common_name               ? 
_entity_src_gen.pdbx_host_org_scientific_name      'Escherichia coli' 
_entity_src_gen.pdbx_host_org_ncbi_taxonomy_id     562 
_entity_src_gen.host_org_genus                     Escherichia 
_entity_src_gen.pdbx_host_org_gene                 ? 
_entity_src_gen.pdbx_host_org_organ                ? 
_entity_src_gen.host_org_species                   ? 
_entity_src_gen.pdbx_host_org_tissue               ? 
_entity_src_gen.pdbx_host_org_tissue_fraction      ? 
_entity_src_gen.pdbx_host_org_strain               ? 
_entity_src_gen.pdbx_host_org_variant              ? 
_entity_src_gen.pdbx_host_org_cell_line            ? 
_entity_src_gen.pdbx_host_org_atcc                 ? 
_entity_src_gen.pdbx_host_org_culture_collection   ? 
_entity_src_gen.pdbx_host_org_cell                 ? 
_entity_src_gen.pdbx_host_org_organelle            ? 
_entity_src_gen.pdbx_host_org_cellular_location    ? 
_entity_src_gen.pdbx_host_org_vector_type          ? 
_entity_src_gen.pdbx_host_org_vector               ? 
_entity_src_gen.host_org_details                   ? 
_entity_src_gen.expression_system_id               ? 
_entity_src_gen.plasmid_name                       PET3 
_entity_src_gen.plasmid_details                    ? 
_entity_src_gen.pdbx_description                   
'METHIONINE AUXOTROPIC ESCHERICHIA COLI STRAINS HARVESTED IN A MEDIUM CONTAINING SELENOMETHIONINE' 
# 
loop_
_chem_comp.id 
_chem_comp.type 
_chem_comp.mon_nstd_flag 
_chem_comp.name 
_chem_comp.pdbx_synonyms 
_chem_comp.formula 
_chem_comp.formula_weight 
ALA 'L-peptide linking' y ALANINE          ? 'C3 H7 N O2'     89.093  
ARG 'L-peptide linking' y ARGININE         ? 'C6 H15 N4 O2 1' 175.209 
ASN 'L-peptide linking' y ASPARAGINE       ? 'C4 H8 N2 O3'    132.118 
ASP 'L-peptide linking' y 'ASPARTIC ACID'  ? 'C4 H7 N O4'     133.103 
CYS 'L-peptide linking' y CYSTEINE         ? 'C3 H7 N O2 S'   121.158 
GLN 'L-peptide linking' y GLUTAMINE        ? 'C5 H10 N2 O3'   146.144 
GLU 'L-peptide linking' y 'GLUTAMIC ACID'  ? 'C5 H9 N O4'     147.129 
GLY 'peptide linking'   y GLYCINE          ? 'C2 H5 N O2'     75.067  
HIS 'L-peptide linking' y HISTIDINE        ? 'C6 H10 N3 O2 1' 156.162 
ILE 'L-peptide linking' y ISOLEUCINE       ? 'C6 H13 N O2'    131.173 
LEU 'L-peptide linking' y LEUCINE          ? 'C6 H13 N O2'    131.173 
LYS 'L-peptide linking' y LYSINE           ? 'C6 H15 N2 O2 1' 147.195 
MET 'L-peptide linking' y METHIONINE       ? 'C5 H11 N O2 S'  149.211 
MSE 'L-peptide linking' n SELENOMETHIONINE ? 'C5 H11 N O2 Se' 196.106 
PHE 'L-peptide linking' y PHENYLALANINE    ? 'C9 H11 N O2'    165.189 
PRO 'L-peptide linking' y PROLINE          ? 'C5 H9 N O2'     115.130 
SER 'L-peptide linking' y SERINE           ? 'C3 H7 N O3'     105.093 
THR 'L-peptide linking' y THREONINE        ? 'C4 H9 N O3'     119.119 
TRP 'L-peptide linking' y TRYPTOPHAN       ? 'C11 H12 N2 O2'  204.225 
TYR 'L-peptide linking' y TYROSINE         ? 'C9 H11 N O3'    181.189 
VAL 'L-peptide linking' y VALINE           ? 'C5 H11 N O2'    117.146 
# 
loop_
_pdbx_poly_seq_scheme.asym_id 
_pdbx_poly_seq_scheme.entity_id 
_pdbx_poly_seq_scheme.seq_id 
_pdbx_poly_seq_scheme.mon_id 
_pdbx_poly_seq_scheme.ndb_seq_num 
_pdbx_poly_seq_scheme.pdb_seq_num 
_pdbx_poly_seq_scheme.auth_seq_num 
_pdbx_poly_seq_scheme.pdb_mon_id 
_pdbx_poly_seq_scheme.auth_mon_id 
_pdbx_poly_seq_scheme.pdb_strand_id 
_pdbx_poly_seq_scheme.pdb_ins_code 
_pdbx_poly_seq_scheme.hetero 
A 1 1   PRO 1   1   1   PRO PRO A . n 
A 1 2   ALA 2   2   2   ALA ALA A . n 
A 1 3   PHE 3   3   3   PHE PHE A . n 
A 1 4   ILE 4   4   4   ILE ILE A . n 
A 1 5   VAL 5   5   5   VAL VAL A . n 
A 1 6   ASN 6   6   6   ASN ASN A . n 
A 1 7   THR 7   7   7   THR THR A . n 
A 1 8   ASN 8   8   8   ASN ASN A . n 
A 1 9   VAL 9   9   9   VAL VAL A . n 
A 1 10  PRO 10  10  10  PRO PRO A . n 
A 1 11  ARG 11  11  11  ARG ARG A . n 
A 1 12  ALA 12  12  12  ALA ALA A . n 
A 1 13  SER 13  13  13  SER SER A . n 
A 1 14  VAL 14  14  14  VAL VAL A . n 
A 1 15  PRO 15  15  15  PRO PRO A . n 
A 1 16  GLU 16  16  16  GLU GLU A . n 
A 1 17  GLY 17  17  17  GLY GLY A . n 
A 1 18  PHE 18  18  18  PHE PHE A . n 
A 1 19  LEU 19  19  19  LEU LEU A . n 
A 1 20  SER 20  20  20  SER SER A . n 
A 1 21  GLU 21  21  21  GLU GLU A . n 
A 1 22  LEU 22  22  22  LEU LEU A . n 
A 1 23  THR 23  23  23  THR THR A . n 
A 1 24  GLN 24  24  24  GLN GLN A . n 
A 1 25  GLN 25  25  25  GLN GLN A . n 
A 1 26  LEU 26  26  26  LEU LEU A . n 
A 1 27  ALA 27  27  27  ALA ALA A . n 
A 1 28  GLN 28  28  28  GLN GLN A . n 
A 1 29  ALA 29  29  29  ALA ALA A . n 
A 1 30  THR 30  30  30  THR THR A . n 
A 1 31  GLY 31  31  31  GLY GLY A . n 
A 1 32  LYS 32  32  32  LYS LYS A . n 
A 1 33  PRO 33  33  33  PRO PRO A . n 
A 1 34  ALA 34  34  34  ALA ALA A . n 
A 1 35  GLN 35  35  35  GLN GLN A . n 
A 1 36  TYR 36  36  36  TYR TYR A . n 
A 1 37  ILE 37  37  37  ILE ILE A . n 
A 1 38  ALA 38  38  38  ALA ALA A . n 
A 1 39  VAL 39  39  39  VAL VAL A . n 
A 1 40  HIS 40  40  40  HIS HIS A . n 
A 1 41  VAL 41  41  41  VAL VAL A . n 
A 1 42  VAL 42  42  42  VAL VAL A . n 
A 1 43  PRO 43  43  43  PRO PRO A . n 
A 1 44  ASP 44  44  44  ASP ASP A . n 
A 1 45  GLN 45  45  45  GLN GLN A . n 
A 1 46  LEU 46  46  46  LEU LEU A . n 
A 1 47  MSE 47  47  47  MSE MSE A . n 
A 1 48  THR 48  48  48  THR THR A . n 
A 1 49  PHE 49  49  49  PHE PHE A . n 
A 1 50  SER 50  50  50  SER SER A . n 
A 1 51  GLY 51  51  51  GLY GLY A . n 
A 1 52  THR 52  52  52  THR THR A . n 
A 1 53  SER 53  53  53  SER SER A . n 
A 1 54  ASP 54  54  54  ASP ASP A . n 
A 1 55  PRO 55  55  55  PRO PRO A . n 
A 1 56  CYS 56  56  56  CYS CYS A . n 
A 1 57  ALA 57  57  57  ALA ALA A . n 
A 1 58  LEU 58  58  58  LEU LEU A . n 
A 1 59  CYS 59  59  59  CYS CYS A . n 
A 1 60  SER 60  60  60  SER SER A . n 
A 1 61  LEU 61  61  61  LEU LEU A . n 
A 1 62  HIS 62  62  62  HIS HIS A . n 
A 1 63  SER 63  63  63  SER SER A . n 
A 1 64  ILE 64  64  64  ILE ILE A . n 
A 1 65  GLY 65  65  65  GLY GLY A . n 
A 1 66  LYS 66  66  66  LYS LYS A . n 
A 1 67  ILE 67  67  67  ILE ILE A . n 
A 1 68  GLY 68  68  68  GLY GLY A . n 
A 1 69  GLY 69  69  69  GLY GLY A . n 
A 1 70  ALA 70  70  70  ALA ALA A . n 
A 1 71  GLN 71  71  71  GLN GLN A . n 
A 1 72  ASN 72  72  72  ASN ASN A . n 
A 1 73  ARG 73  73  73  ARG ARG A . n 
A 1 74  ASN 74  74  74  ASN ASN A . n 
A 1 75  TYR 75  75  75  TYR TYR A . n 
A 1 76  SER 76  76  76  SER SER A . n 
A 1 77  LYS 77  77  77  LYS LYS A . n 
A 1 78  LEU 78  78  78  LEU LEU A . n 
A 1 79  LEU 79  79  79  LEU LEU A . n 
A 1 80  CYS 80  80  80  CYS CYS A . n 
A 1 81  GLY 81  81  81  GLY GLY A . n 
A 1 82  LEU 82  82  82  LEU LEU A . n 
A 1 83  LEU 83  83  83  LEU LEU A . n 
A 1 84  SER 84  84  84  SER SER A . n 
A 1 85  ASP 85  85  85  ASP ASP A . n 
A 1 86  ARG 86  86  86  ARG ARG A . n 
A 1 87  LEU 87  87  87  LEU LEU A . n 
A 1 88  HIS 88  88  88  HIS HIS A . n 
A 1 89  ILE 89  89  89  ILE ILE A . n 
A 1 90  SER 90  90  90  SER SER A . n 
A 1 91  PRO 91  91  91  PRO PRO A . n 
A 1 92  ASP 92  92  92  ASP ASP A . n 
A 1 93  ARG 93  93  93  ARG ARG A . n 
A 1 94  VAL 94  94  94  VAL VAL A . n 
A 1 95  TYR 95  95  95  TYR TYR A . n 
A 1 96  ILE 96  96  96  ILE ILE A . n 
A 1 97  ASN 97  97  97  ASN ASN A . n 
A 1 98  TYR 98  98  98  TYR TYR A . n 
A 1 99  TYR 99  99  99  TYR TYR A . n 
A 1 100 ASP 100 100 100 ASP ASP A . n 
A 1 101 ALA 101 101 101 ALA ALA A . n 
A 1 102 ASN 102 102 102 ASN ASN A . n 
A 1 103 ALA 103 103 103 ALA ALA A . n 
A 1 104 ALA 104 104 ?   ?   ?   A . n 
A 1 105 ASN 105 105 ?   ?   ?   A . n 
A 1 106 VAL 106 106 ?   ?   ?   A . n 
A 1 107 GLY 107 107 ?   ?   ?   A . n 
A 1 108 TRP 108 108 ?   ?   ?   A . n 
A 1 109 ASN 109 109 ?   ?   ?   A . n 
A 1 110 GLY 110 110 ?   ?   ?   A . n 
A 1 111 SER 111 111 ?   ?   ?   A . n 
A 1 112 THR 112 112 ?   ?   ?   A . n 
A 1 113 PHE 113 113 ?   ?   ?   A . n 
A 1 114 ALA 114 114 ?   ?   ?   A . n 
# 
loop_
_software.name 
_software.classification 
_software.version 
_software.citation_id 
_software.pdbx_ordinal 
X-PLOR 'model building' 3.1 ? 1 
X-PLOR refinement       3.1 ? 2 
X-PLOR phasing          3.1 ? 3 
# 
_cell.entry_id           1FIM 
_cell.length_a           61.800 
_cell.length_b           61.800 
_cell.length_c           53.400 
_cell.angle_alpha        90.00 
_cell.angle_beta         90.00 
_cell.angle_gamma        120.00 
_cell.Z_PDB              6 
_cell.pdbx_unique_axis   ? 
# 
_symmetry.entry_id                         1FIM 
_symmetry.space_group_name_H-M             'P 63' 
_symmetry.pdbx_full_space_group_name_H-M   ? 
_symmetry.cell_setting                     ? 
_symmetry.Int_Tables_number                173 
# 
_exptl.entry_id          1FIM 
_exptl.method            'X-RAY DIFFRACTION' 
_exptl.crystals_number   1 
# 
_exptl_crystal.id                    1 
_exptl_crystal.density_meas          ? 
_exptl_crystal.density_Matthews      2.40 
_exptl_crystal.density_percent_sol   48.65 
_exptl_crystal.description           ? 
# 
_exptl_crystal_grow.crystal_id      1 
_exptl_crystal_grow.method          ? 
_exptl_crystal_grow.temp            ? 
_exptl_crystal_grow.temp_details    ? 
_exptl_crystal_grow.pH              6.5 
_exptl_crystal_grow.pdbx_pH_range   ? 
_exptl_crystal_grow.pdbx_details    'pH 6.5' 
# 
_diffrn.id                     1 
_diffrn.ambient_temp           283 
_diffrn.ambient_temp_details   ? 
_diffrn.crystal_id             1 
# 
_diffrn_detector.diffrn_id              1 
_diffrn_detector.detector               ? 
_diffrn_detector.type                   ? 
_diffrn_detector.pdbx_collection_date   1995-05-18 
_diffrn_detector.details                ? 
# 
_diffrn_radiation.diffrn_id                        1 
_diffrn_radiation.wavelength_id                    1 
_diffrn_radiation.pdbx_monochromatic_or_laue_m_l   ? 
_diffrn_radiation.monochromator                    ? 
_diffrn_radiation.pdbx_diffrn_protocol             ? 
_diffrn_radiation.pdbx_scattering_type             x-ray 
# 
_diffrn_radiation_wavelength.id           1 
_diffrn_radiation_wavelength.wavelength   . 
_diffrn_radiation_wavelength.wt           1.0 
# 
_reflns.entry_id                     1FIM 
_reflns.observed_criterion_sigma_I   0. 
_reflns.observed_criterion_sigma_F   ? 
_reflns.d_resolution_low             40.0 
_reflns.d_resolution_high            2.2 
_reflns.number_obs                   5697 
_reflns.number_all                   ? 
_reflns.percent_possible_obs         94.5 
_reflns.pdbx_Rmerge_I_obs            ? 
_reflns.pdbx_Rsym_value              ? 
_reflns.pdbx_netI_over_sigmaI        ? 
_reflns.B_iso_Wilson_estimate        ? 
_reflns.pdbx_redundancy              ? 
_reflns.pdbx_diffrn_id               1 
_reflns.pdbx_ordinal                 1 
# 
_refine.entry_id                                 1FIM 
_refine.ls_number_reflns_obs                     5143 
_refine.ls_number_reflns_all                     ? 
_refine.pdbx_ls_sigma_I                          ? 
_refine.pdbx_ls_sigma_F                          0. 
_refine.pdbx_data_cutoff_high_absF               ? 
_refine.pdbx_data_cutoff_low_absF                ? 
_refine.pdbx_data_cutoff_high_rms_absF           ? 
_refine.ls_d_res_low                             5.0 
_refine.ls_d_res_high                            2.2 
_refine.ls_percent_reflns_obs                    94.6 
_refine.ls_R_factor_obs                          0.1970000 
_refine.ls_R_factor_all                          ? 
_refine.ls_R_factor_R_work                       0.1970000 
_refine.ls_R_factor_R_free                       0.2440000 
_refine.ls_R_factor_R_free_error                 ? 
_refine.ls_R_factor_R_free_error_details         ? 
_refine.ls_percent_reflns_R_free                 3.59 
_refine.ls_number_reflns_R_free                  ? 
_refine.ls_number_parameters                     ? 
_refine.ls_number_restraints                     ? 
_refine.occupancy_min                            ? 
_refine.occupancy_max                            ? 
_refine.B_iso_mean                               30.7 
_refine.aniso_B[1][1]                            ? 
_refine.aniso_B[2][2]                            ? 
_refine.aniso_B[3][3]                            ? 
_refine.aniso_B[1][2]                            ? 
_refine.aniso_B[1][3]                            ? 
_refine.aniso_B[2][3]                            ? 
_refine.solvent_model_details                    ? 
_refine.solvent_model_param_ksol                 ? 
_refine.solvent_model_param_bsol                 ? 
_refine.pdbx_ls_cross_valid_method               ? 
_refine.details                                  ? 
_refine.pdbx_starting_model                      ? 
_refine.pdbx_method_to_determine_struct          ? 
_refine.pdbx_isotropic_thermal_model             ? 
_refine.pdbx_stereochemistry_target_values       ? 
_refine.pdbx_stereochem_target_val_spec_case     ? 
_refine.pdbx_R_Free_selection_details            ? 
_refine.pdbx_overall_ESU_R                       ? 
_refine.pdbx_overall_ESU_R_Free                  ? 
_refine.overall_SU_ML                            ? 
_refine.overall_SU_B                             ? 
_refine.pdbx_refine_id                           'X-RAY DIFFRACTION' 
_refine.pdbx_diffrn_id                           1 
_refine.pdbx_TLS_residual_ADP_flag               ? 
_refine.correlation_coeff_Fo_to_Fc               ? 
_refine.correlation_coeff_Fo_to_Fc_free          ? 
_refine.pdbx_solvent_vdw_probe_radii             ? 
_refine.pdbx_solvent_ion_probe_radii             ? 
_refine.pdbx_solvent_shrinkage_radii             ? 
_refine.pdbx_overall_phase_error                 ? 
_refine.overall_SU_R_Cruickshank_DPI             ? 
_refine.pdbx_overall_SU_R_free_Cruickshank_DPI   ? 
_refine.pdbx_overall_SU_R_Blow_DPI               ? 
_refine.pdbx_overall_SU_R_free_Blow_DPI          ? 
# 
_refine_analyze.entry_id                        1FIM 
_refine_analyze.Luzzati_coordinate_error_obs    0.28 
_refine_analyze.Luzzati_sigma_a_obs             ? 
_refine_analyze.Luzzati_d_res_low_obs           ? 
_refine_analyze.Luzzati_coordinate_error_free   ? 
_refine_analyze.Luzzati_sigma_a_free            ? 
_refine_analyze.Luzzati_d_res_low_free          ? 
_refine_analyze.number_disordered_residues      ? 
_refine_analyze.occupancy_sum_hydrogen          ? 
_refine_analyze.occupancy_sum_non_hydrogen      ? 
_refine_analyze.pdbx_refine_id                  'X-RAY DIFFRACTION' 
# 
_refine_hist.pdbx_refine_id                   'X-RAY DIFFRACTION' 
_refine_hist.cycle_id                         LAST 
_refine_hist.pdbx_number_atoms_protein        782 
_refine_hist.pdbx_number_atoms_nucleic_acid   0 
_refine_hist.pdbx_number_atoms_ligand         0 
_refine_hist.number_atoms_solvent             0 
_refine_hist.number_atoms_total               782 
_refine_hist.d_res_high                       2.2 
_refine_hist.d_res_low                        5.0 
# 
loop_
_refine_ls_restr.type 
_refine_ls_restr.dev_ideal 
_refine_ls_restr.dev_ideal_target 
_refine_ls_restr.weight 
_refine_ls_restr.number 
_refine_ls_restr.pdbx_refine_id 
_refine_ls_restr.pdbx_restraint_function 
x_bond_d                0.015 ? ? ? 'X-RAY DIFFRACTION' ? 
x_bond_d_na             ?     ? ? ? 'X-RAY DIFFRACTION' ? 
x_bond_d_prot           ?     ? ? ? 'X-RAY DIFFRACTION' ? 
x_angle_d               ?     ? ? ? 'X-RAY DIFFRACTION' ? 
x_angle_d_na            ?     ? ? ? 'X-RAY DIFFRACTION' ? 
x_angle_d_prot          ?     ? ? ? 'X-RAY DIFFRACTION' ? 
x_angle_deg             1.718 ? ? ? 'X-RAY DIFFRACTION' ? 
x_angle_deg_na          ?     ? ? ? 'X-RAY DIFFRACTION' ? 
x_angle_deg_prot        ?     ? ? ? 'X-RAY DIFFRACTION' ? 
x_dihedral_angle_d      25.88 ? ? ? 'X-RAY DIFFRACTION' ? 
x_dihedral_angle_d_na   ?     ? ? ? 'X-RAY DIFFRACTION' ? 
x_dihedral_angle_d_prot ?     ? ? ? 'X-RAY DIFFRACTION' ? 
x_improper_angle_d      1.602 ? ? ? 'X-RAY DIFFRACTION' ? 
x_improper_angle_d_na   ?     ? ? ? 'X-RAY DIFFRACTION' ? 
x_improper_angle_d_prot ?     ? ? ? 'X-RAY DIFFRACTION' ? 
x_mcbond_it             ?     ? ? ? 'X-RAY DIFFRACTION' ? 
x_mcangle_it            ?     ? ? ? 'X-RAY DIFFRACTION' ? 
x_scbond_it             ?     ? ? ? 'X-RAY DIFFRACTION' ? 
x_scangle_it            ?     ? ? ? 'X-RAY DIFFRACTION' ? 
# 
_struct.entry_id                  1FIM 
_struct.title                     'MACROPHAGE MIGRATION INHIBITORY FACTOR' 
_struct.pdbx_model_details        ? 
_struct.pdbx_CASP_flag            ? 
_struct.pdbx_model_type_details   ? 
# 
_struct_keywords.entry_id        1FIM 
_struct_keywords.pdbx_keywords   CYTOKINE 
_struct_keywords.text            'MACROPHAGE, INFLAMMATORY RESPONSE, CYTOKINE' 
# 
_struct_asym.id                            A 
_struct_asym.pdbx_blank_PDB_chainid_flag   N 
_struct_asym.pdbx_modified                 N 
_struct_asym.entity_id                     1 
_struct_asym.details                       ? 
# 
_struct_ref.id                         1 
_struct_ref.db_name                    UNP 
_struct_ref.db_code                    MIF_RAT 
_struct_ref.entity_id                  1 
_struct_ref.pdbx_db_accession          P30904 
_struct_ref.pdbx_align_begin           1 
_struct_ref.pdbx_seq_one_letter_code   
;PMFIVNTNVPRASVPEGFLSELTQQLAQATGKPAQYIAVHVVPDQLMTFSGTSDPCALCSLHSIGKIGGAQNRNYSKLLC
GLLSDRLHISPDRVYINYYDMNAANVGWNGSTFA
;
_struct_ref.pdbx_db_isoform            ? 
# 
_struct_ref_seq.align_id                      1 
_struct_ref_seq.ref_id                        1 
_struct_ref_seq.pdbx_PDB_id_code              1FIM 
_struct_ref_seq.pdbx_strand_id                A 
_struct_ref_seq.seq_align_beg                 1 
_struct_ref_seq.pdbx_seq_align_beg_ins_code   ? 
_struct_ref_seq.seq_align_end                 114 
_struct_ref_seq.pdbx_seq_align_end_ins_code   ? 
_struct_ref_seq.pdbx_db_accession             P30904 
_struct_ref_seq.db_align_beg                  1 
_struct_ref_seq.pdbx_db_align_beg_ins_code    ? 
_struct_ref_seq.db_align_end                  114 
_struct_ref_seq.pdbx_db_align_end_ins_code    ? 
_struct_ref_seq.pdbx_auth_seq_align_beg       1 
_struct_ref_seq.pdbx_auth_seq_align_end       114 
# 
loop_
_struct_ref_seq_dif.align_id 
_struct_ref_seq_dif.pdbx_pdb_id_code 
_struct_ref_seq_dif.mon_id 
_struct_ref_seq_dif.pdbx_pdb_strand_id 
_struct_ref_seq_dif.seq_num 
_struct_ref_seq_dif.pdbx_pdb_ins_code 
_struct_ref_seq_dif.pdbx_seq_db_name 
_struct_ref_seq_dif.pdbx_seq_db_accession_code 
_struct_ref_seq_dif.db_mon_id 
_struct_ref_seq_dif.pdbx_seq_db_seq_num 
_struct_ref_seq_dif.details 
_struct_ref_seq_dif.pdbx_auth_seq_num 
_struct_ref_seq_dif.pdbx_ordinal 
1 1FIM ALA A 2   ? UNP P30904 MET 2   'engineered mutation' 2   1 
1 1FIM MSE A 47  ? UNP P30904 MET 47  'engineered mutation' 47  2 
1 1FIM ALA A 101 ? UNP P30904 MET 101 'engineered mutation' 101 3 
# 
_pdbx_struct_assembly.id                   1 
_pdbx_struct_assembly.details              author_defined_assembly 
_pdbx_struct_assembly.method_details       ? 
_pdbx_struct_assembly.oligomeric_details   trimeric 
_pdbx_struct_assembly.oligomeric_count     3 
# 
_pdbx_struct_assembly_gen.assembly_id       1 
_pdbx_struct_assembly_gen.oper_expression   1,2,3 
_pdbx_struct_assembly_gen.asym_id_list      A 
# 
loop_
_pdbx_struct_oper_list.id 
_pdbx_struct_oper_list.type 
_pdbx_struct_oper_list.name 
_pdbx_struct_oper_list.symmetry_operation 
_pdbx_struct_oper_list.matrix[1][1] 
_pdbx_struct_oper_list.matrix[1][2] 
_pdbx_struct_oper_list.matrix[1][3] 
_pdbx_struct_oper_list.vector[1] 
_pdbx_struct_oper_list.matrix[2][1] 
_pdbx_struct_oper_list.matrix[2][2] 
_pdbx_struct_oper_list.matrix[2][3] 
_pdbx_struct_oper_list.vector[2] 
_pdbx_struct_oper_list.matrix[3][1] 
_pdbx_struct_oper_list.matrix[3][2] 
_pdbx_struct_oper_list.matrix[3][3] 
_pdbx_struct_oper_list.vector[3] 
1 'identity operation'         1_555 x,y,z         1.0000000000  0.0000000000 0.0000000000  0.0000000000  0.0000000000 1.0000000000 0.0000000000  0.0000000000 0.0000000000  0.0000000000  1.0000000000  0.0000000000  
2 'crystal symmetry operation' 3_665 -x+y+1,-x+1,z -0.4801073830 0.3193016977 0.8170332470  -3.7271370568 0.0185966849 0.9348956306 -0.3544352172 4.4687820380 -0.8770125792 -0.1549728547 -0.4547882476 22.7029736974 
3 'crystal symmetry operation' 2_655 -y+1,x-y,z    -0.4801073830 0.0185966849 -0.8770125792 18.0382629687 0.3193016977 0.9348956306 -0.1549728547 0.5305810333 0.8170332470  -0.3544352172 -0.4547882476 14.9541342479 
# 
_struct_biol.id   1 
# 
loop_
_struct_conf.conf_type_id 
_struct_conf.id 
_struct_conf.pdbx_PDB_helix_id 
_struct_conf.beg_label_comp_id 
_struct_conf.beg_label_asym_id 
_struct_conf.beg_label_seq_id 
_struct_conf.pdbx_beg_PDB_ins_code 
_struct_conf.end_label_comp_id 
_struct_conf.end_label_asym_id 
_struct_conf.end_label_seq_id 
_struct_conf.pdbx_end_PDB_ins_code 
_struct_conf.beg_auth_comp_id 
_struct_conf.beg_auth_asym_id 
_struct_conf.beg_auth_seq_id 
_struct_conf.end_auth_comp_id 
_struct_conf.end_auth_asym_id 
_struct_conf.end_auth_seq_id 
_struct_conf.pdbx_PDB_helix_class 
_struct_conf.details 
_struct_conf.pdbx_PDB_helix_length 
HELX_P HELX_P1 H1 GLY A 17 ? GLY A 31 ? GLY A 17 GLY A 31 1 ? 15 
HELX_P HELX_P2 H2 GLY A 68 ? HIS A 88 ? GLY A 68 HIS A 88 1 ? 21 
HELX_P HELX_P3 H3 PRO A 10 ? VAL A 14 ? PRO A 10 VAL A 14 5 ? 5  
HELX_P HELX_P4 H4 PRO A 33 ? ILE A 37 ? PRO A 33 ILE A 37 5 ? 5  
# 
_struct_conf_type.id          HELX_P 
_struct_conf_type.criteria    ? 
_struct_conf_type.reference   ? 
# 
loop_
_struct_conn.id 
_struct_conn.conn_type_id 
_struct_conn.pdbx_leaving_atom_flag 
_struct_conn.pdbx_PDB_id 
_struct_conn.ptnr1_label_asym_id 
_struct_conn.ptnr1_label_comp_id 
_struct_conn.ptnr1_label_seq_id 
_struct_conn.ptnr1_label_atom_id 
_struct_conn.pdbx_ptnr1_label_alt_id 
_struct_conn.pdbx_ptnr1_PDB_ins_code 
_struct_conn.pdbx_ptnr1_standard_comp_id 
_struct_conn.ptnr1_symmetry 
_struct_conn.ptnr2_label_asym_id 
_struct_conn.ptnr2_label_comp_id 
_struct_conn.ptnr2_label_seq_id 
_struct_conn.ptnr2_label_atom_id 
_struct_conn.pdbx_ptnr2_label_alt_id 
_struct_conn.pdbx_ptnr2_PDB_ins_code 
_struct_conn.ptnr1_auth_asym_id 
_struct_conn.ptnr1_auth_comp_id 
_struct_conn.ptnr1_auth_seq_id 
_struct_conn.ptnr2_auth_asym_id 
_struct_conn.ptnr2_auth_comp_id 
_struct_conn.ptnr2_auth_seq_id 
_struct_conn.ptnr2_symmetry 
_struct_conn.pdbx_ptnr3_label_atom_id 
_struct_conn.pdbx_ptnr3_label_seq_id 
_struct_conn.pdbx_ptnr3_label_comp_id 
_struct_conn.pdbx_ptnr3_label_asym_id 
_struct_conn.pdbx_ptnr3_label_alt_id 
_struct_conn.pdbx_ptnr3_PDB_ins_code 
_struct_conn.details 
_struct_conn.pdbx_dist_value 
_struct_conn.pdbx_value_order 
_struct_conn.pdbx_role 
covale1 covale both ? A LEU 46 C ? ? ? 1_555 A MSE 47 N ? ? A LEU 46 A MSE 47 1_555 ? ? ? ? ? ? ? 1.325 ? ? 
covale2 covale both ? A MSE 47 C ? ? ? 1_555 A THR 48 N ? ? A MSE 47 A THR 48 1_555 ? ? ? ? ? ? ? 1.337 ? ? 
# 
_struct_conn_type.id          covale 
_struct_conn_type.criteria    ? 
_struct_conn_type.reference   ? 
# 
_pdbx_modification_feature.ordinal                            1 
_pdbx_modification_feature.label_comp_id                      MSE 
_pdbx_modification_feature.label_asym_id                      A 
_pdbx_modification_feature.label_seq_id                       47 
_pdbx_modification_feature.label_alt_id                       ? 
_pdbx_modification_feature.modified_residue_label_comp_id     . 
_pdbx_modification_feature.modified_residue_label_asym_id     . 
_pdbx_modification_feature.modified_residue_label_seq_id      . 
_pdbx_modification_feature.modified_residue_label_alt_id      . 
_pdbx_modification_feature.auth_comp_id                       MSE 
_pdbx_modification_feature.auth_asym_id                       A 
_pdbx_modification_feature.auth_seq_id                        47 
_pdbx_modification_feature.PDB_ins_code                       ? 
_pdbx_modification_feature.symmetry                           1_555 
_pdbx_modification_feature.modified_residue_auth_comp_id      . 
_pdbx_modification_feature.modified_residue_auth_asym_id      . 
_pdbx_modification_feature.modified_residue_auth_seq_id       . 
_pdbx_modification_feature.modified_residue_PDB_ins_code      . 
_pdbx_modification_feature.modified_residue_symmetry          . 
_pdbx_modification_feature.comp_id_linking_atom               . 
_pdbx_modification_feature.modified_residue_id_linking_atom   . 
_pdbx_modification_feature.modified_residue_id                MET 
_pdbx_modification_feature.ref_pcm_id                         1 
_pdbx_modification_feature.ref_comp_id                        MSE 
_pdbx_modification_feature.type                               Selenomethionine 
_pdbx_modification_feature.category                           'Named protein modification' 
# 
_struct_sheet.id               S1 
_struct_sheet.type             ? 
_struct_sheet.number_strands   4 
_struct_sheet.details          ? 
# 
loop_
_struct_sheet_order.sheet_id 
_struct_sheet_order.range_id_1 
_struct_sheet_order.range_id_2 
_struct_sheet_order.offset 
_struct_sheet_order.sense 
S1 1 2 ? parallel      
S1 2 3 ? anti-parallel 
S1 3 4 ? parallel      
# 
loop_
_struct_sheet_range.sheet_id 
_struct_sheet_range.id 
_struct_sheet_range.beg_label_comp_id 
_struct_sheet_range.beg_label_asym_id 
_struct_sheet_range.beg_label_seq_id 
_struct_sheet_range.pdbx_beg_PDB_ins_code 
_struct_sheet_range.end_label_comp_id 
_struct_sheet_range.end_label_asym_id 
_struct_sheet_range.end_label_seq_id 
_struct_sheet_range.pdbx_end_PDB_ins_code 
_struct_sheet_range.beg_auth_comp_id 
_struct_sheet_range.beg_auth_asym_id 
_struct_sheet_range.beg_auth_seq_id 
_struct_sheet_range.end_auth_comp_id 
_struct_sheet_range.end_auth_asym_id 
_struct_sheet_range.end_auth_seq_id 
S1 1 ALA A 38 ? VAL A 42  ? ALA A 38 VAL A 42  
S1 2 PRO A 1  ? THR A 7   ? PRO A 1  THR A 7   
S1 3 CYS A 56 ? SER A 63  ? CYS A 56 SER A 63  
S1 4 ARG A 93 ? ALA A 101 ? ARG A 93 ALA A 101 
# 
_pdbx_entry_details.entry_id                   1FIM 
_pdbx_entry_details.compound_details           ? 
_pdbx_entry_details.source_details             ? 
_pdbx_entry_details.nonpolymer_details         ? 
_pdbx_entry_details.sequence_details           ? 
_pdbx_entry_details.has_ligand_of_interest     ? 
_pdbx_entry_details.has_protein_modification   Y 
# 
_pdbx_validate_rmsd_angle.id                         1 
_pdbx_validate_rmsd_angle.PDB_model_num              1 
_pdbx_validate_rmsd_angle.auth_atom_id_1             NE 
_pdbx_validate_rmsd_angle.auth_asym_id_1             A 
_pdbx_validate_rmsd_angle.auth_comp_id_1             ARG 
_pdbx_validate_rmsd_angle.auth_seq_id_1              93 
_pdbx_validate_rmsd_angle.PDB_ins_code_1             ? 
_pdbx_validate_rmsd_angle.label_alt_id_1             ? 
_pdbx_validate_rmsd_angle.auth_atom_id_2             CZ 
_pdbx_validate_rmsd_angle.auth_asym_id_2             A 
_pdbx_validate_rmsd_angle.auth_comp_id_2             ARG 
_pdbx_validate_rmsd_angle.auth_seq_id_2              93 
_pdbx_validate_rmsd_angle.PDB_ins_code_2             ? 
_pdbx_validate_rmsd_angle.label_alt_id_2             ? 
_pdbx_validate_rmsd_angle.auth_atom_id_3             NH2 
_pdbx_validate_rmsd_angle.auth_asym_id_3             A 
_pdbx_validate_rmsd_angle.auth_comp_id_3             ARG 
_pdbx_validate_rmsd_angle.auth_seq_id_3              93 
_pdbx_validate_rmsd_angle.PDB_ins_code_3             ? 
_pdbx_validate_rmsd_angle.label_alt_id_3             ? 
_pdbx_validate_rmsd_angle.angle_value                117.08 
_pdbx_validate_rmsd_angle.angle_target_value         120.30 
_pdbx_validate_rmsd_angle.angle_deviation            -3.22 
_pdbx_validate_rmsd_angle.angle_standard_deviation   0.50 
_pdbx_validate_rmsd_angle.linker_flag                N 
# 
_pdbx_validate_torsion.id              1 
_pdbx_validate_torsion.PDB_model_num   1 
_pdbx_validate_torsion.auth_comp_id    ALA 
_pdbx_validate_torsion.auth_asym_id    A 
_pdbx_validate_torsion.auth_seq_id     101 
_pdbx_validate_torsion.PDB_ins_code    ? 
_pdbx_validate_torsion.label_alt_id    ? 
_pdbx_validate_torsion.phi             -38.93 
_pdbx_validate_torsion.psi             -19.28 
# 
_pdbx_struct_mod_residue.id               1 
_pdbx_struct_mod_residue.label_asym_id    A 
_pdbx_struct_mod_residue.label_comp_id    MSE 
_pdbx_struct_mod_residue.label_seq_id     47 
_pdbx_struct_mod_residue.auth_asym_id     A 
_pdbx_struct_mod_residue.auth_comp_id     MSE 
_pdbx_struct_mod_residue.auth_seq_id      47 
_pdbx_struct_mod_residue.PDB_ins_code     ? 
_pdbx_struct_mod_residue.parent_comp_id   MET 
_pdbx_struct_mod_residue.details          SELENOMETHIONINE 
# 
loop_
_pdbx_unobs_or_zero_occ_residues.id 
_pdbx_unobs_or_zero_occ_residues.PDB_model_num 
_pdbx_unobs_or_zero_occ_residues.polymer_flag 
_pdbx_unobs_or_zero_occ_residues.occupancy_flag 
_pdbx_unobs_or_zero_occ_residues.auth_asym_id 
_pdbx_unobs_or_zero_occ_residues.auth_comp_id 
_pdbx_unobs_or_zero_occ_residues.auth_seq_id 
_pdbx_unobs_or_zero_occ_residues.PDB_ins_code 
_pdbx_unobs_or_zero_occ_residues.label_asym_id 
_pdbx_unobs_or_zero_occ_residues.label_comp_id 
_pdbx_unobs_or_zero_occ_residues.label_seq_id 
1  1 Y 1 A ALA 104 ? A ALA 104 
2  1 Y 1 A ASN 105 ? A ASN 105 
3  1 Y 1 A VAL 106 ? A VAL 106 
4  1 Y 1 A GLY 107 ? A GLY 107 
5  1 Y 1 A TRP 108 ? A TRP 108 
6  1 Y 1 A ASN 109 ? A ASN 109 
7  1 Y 1 A GLY 110 ? A GLY 110 
8  1 Y 1 A SER 111 ? A SER 111 
9  1 Y 1 A THR 112 ? A THR 112 
10 1 Y 1 A PHE 113 ? A PHE 113 
11 1 Y 1 A ALA 114 ? A ALA 114 
# 
loop_
_chem_comp_atom.comp_id 
_chem_comp_atom.atom_id 
_chem_comp_atom.type_symbol 
_chem_comp_atom.pdbx_aromatic_flag 
_chem_comp_atom.pdbx_stereo_config 
_chem_comp_atom.pdbx_ordinal 
ALA N    N  N N 1   
ALA CA   C  N S 2   
ALA C    C  N N 3   
ALA O    O  N N 4   
ALA CB   C  N N 5   
ALA OXT  O  N N 6   
ALA H    H  N N 7   
ALA H2   H  N N 8   
ALA HA   H  N N 9   
ALA HB1  H  N N 10  
ALA HB2  H  N N 11  
ALA HB3  H  N N 12  
ALA HXT  H  N N 13  
ARG N    N  N N 14  
ARG CA   C  N S 15  
ARG C    C  N N 16  
ARG O    O  N N 17  
ARG CB   C  N N 18  
ARG CG   C  N N 19  
ARG CD   C  N N 20  
ARG NE   N  N N 21  
ARG CZ   C  N N 22  
ARG NH1  N  N N 23  
ARG NH2  N  N N 24  
ARG OXT  O  N N 25  
ARG H    H  N N 26  
ARG H2   H  N N 27  
ARG HA   H  N N 28  
ARG HB2  H  N N 29  
ARG HB3  H  N N 30  
ARG HG2  H  N N 31  
ARG HG3  H  N N 32  
ARG HD2  H  N N 33  
ARG HD3  H  N N 34  
ARG HE   H  N N 35  
ARG HH11 H  N N 36  
ARG HH12 H  N N 37  
ARG HH21 H  N N 38  
ARG HH22 H  N N 39  
ARG HXT  H  N N 40  
ASN N    N  N N 41  
ASN CA   C  N S 42  
ASN C    C  N N 43  
ASN O    O  N N 44  
ASN CB   C  N N 45  
ASN CG   C  N N 46  
ASN OD1  O  N N 47  
ASN ND2  N  N N 48  
ASN OXT  O  N N 49  
ASN H    H  N N 50  
ASN H2   H  N N 51  
ASN HA   H  N N 52  
ASN HB2  H  N N 53  
ASN HB3  H  N N 54  
ASN HD21 H  N N 55  
ASN HD22 H  N N 56  
ASN HXT  H  N N 57  
ASP N    N  N N 58  
ASP CA   C  N S 59  
ASP C    C  N N 60  
ASP O    O  N N 61  
ASP CB   C  N N 62  
ASP CG   C  N N 63  
ASP OD1  O  N N 64  
ASP OD2  O  N N 65  
ASP OXT  O  N N 66  
ASP H    H  N N 67  
ASP H2   H  N N 68  
ASP HA   H  N N 69  
ASP HB2  H  N N 70  
ASP HB3  H  N N 71  
ASP HD2  H  N N 72  
ASP HXT  H  N N 73  
CYS N    N  N N 74  
CYS CA   C  N R 75  
CYS C    C  N N 76  
CYS O    O  N N 77  
CYS CB   C  N N 78  
CYS SG   S  N N 79  
CYS OXT  O  N N 80  
CYS H    H  N N 81  
CYS H2   H  N N 82  
CYS HA   H  N N 83  
CYS HB2  H  N N 84  
CYS HB3  H  N N 85  
CYS HG   H  N N 86  
CYS HXT  H  N N 87  
GLN N    N  N N 88  
GLN CA   C  N S 89  
GLN C    C  N N 90  
GLN O    O  N N 91  
GLN CB   C  N N 92  
GLN CG   C  N N 93  
GLN CD   C  N N 94  
GLN OE1  O  N N 95  
GLN NE2  N  N N 96  
GLN OXT  O  N N 97  
GLN H    H  N N 98  
GLN H2   H  N N 99  
GLN HA   H  N N 100 
GLN HB2  H  N N 101 
GLN HB3  H  N N 102 
GLN HG2  H  N N 103 
GLN HG3  H  N N 104 
GLN HE21 H  N N 105 
GLN HE22 H  N N 106 
GLN HXT  H  N N 107 
GLU N    N  N N 108 
GLU CA   C  N S 109 
GLU C    C  N N 110 
GLU O    O  N N 111 
GLU CB   C  N N 112 
GLU CG   C  N N 113 
GLU CD   C  N N 114 
GLU OE1  O  N N 115 
GLU OE2  O  N N 116 
GLU OXT  O  N N 117 
GLU H    H  N N 118 
GLU H2   H  N N 119 
GLU HA   H  N N 120 
GLU HB2  H  N N 121 
GLU HB3  H  N N 122 
GLU HG2  H  N N 123 
GLU HG3  H  N N 124 
GLU HE2  H  N N 125 
GLU HXT  H  N N 126 
GLY N    N  N N 127 
GLY CA   C  N N 128 
GLY C    C  N N 129 
GLY O    O  N N 130 
GLY OXT  O  N N 131 
GLY H    H  N N 132 
GLY H2   H  N N 133 
GLY HA2  H  N N 134 
GLY HA3  H  N N 135 
GLY HXT  H  N N 136 
HIS N    N  N N 137 
HIS CA   C  N S 138 
HIS C    C  N N 139 
HIS O    O  N N 140 
HIS CB   C  N N 141 
HIS CG   C  Y N 142 
HIS ND1  N  Y N 143 
HIS CD2  C  Y N 144 
HIS CE1  C  Y N 145 
HIS NE2  N  Y N 146 
HIS OXT  O  N N 147 
HIS H    H  N N 148 
HIS H2   H  N N 149 
HIS HA   H  N N 150 
HIS HB2  H  N N 151 
HIS HB3  H  N N 152 
HIS HD1  H  N N 153 
HIS HD2  H  N N 154 
HIS HE1  H  N N 155 
HIS HE2  H  N N 156 
HIS HXT  H  N N 157 
ILE N    N  N N 158 
ILE CA   C  N S 159 
ILE C    C  N N 160 
ILE O    O  N N 161 
ILE CB   C  N S 162 
ILE CG1  C  N N 163 
ILE CG2  C  N N 164 
ILE CD1  C  N N 165 
ILE OXT  O  N N 166 
ILE H    H  N N 167 
ILE H2   H  N N 168 
ILE HA   H  N N 169 
ILE HB   H  N N 170 
ILE HG12 H  N N 171 
ILE HG13 H  N N 172 
ILE HG21 H  N N 173 
ILE HG22 H  N N 174 
ILE HG23 H  N N 175 
ILE HD11 H  N N 176 
ILE HD12 H  N N 177 
ILE HD13 H  N N 178 
ILE HXT  H  N N 179 
LEU N    N  N N 180 
LEU CA   C  N S 181 
LEU C    C  N N 182 
LEU O    O  N N 183 
LEU CB   C  N N 184 
LEU CG   C  N N 185 
LEU CD1  C  N N 186 
LEU CD2  C  N N 187 
LEU OXT  O  N N 188 
LEU H    H  N N 189 
LEU H2   H  N N 190 
LEU HA   H  N N 191 
LEU HB2  H  N N 192 
LEU HB3  H  N N 193 
LEU HG   H  N N 194 
LEU HD11 H  N N 195 
LEU HD12 H  N N 196 
LEU HD13 H  N N 197 
LEU HD21 H  N N 198 
LEU HD22 H  N N 199 
LEU HD23 H  N N 200 
LEU HXT  H  N N 201 
LYS N    N  N N 202 
LYS CA   C  N S 203 
LYS C    C  N N 204 
LYS O    O  N N 205 
LYS CB   C  N N 206 
LYS CG   C  N N 207 
LYS CD   C  N N 208 
LYS CE   C  N N 209 
LYS NZ   N  N N 210 
LYS OXT  O  N N 211 
LYS H    H  N N 212 
LYS H2   H  N N 213 
LYS HA   H  N N 214 
LYS HB2  H  N N 215 
LYS HB3  H  N N 216 
LYS HG2  H  N N 217 
LYS HG3  H  N N 218 
LYS HD2  H  N N 219 
LYS HD3  H  N N 220 
LYS HE2  H  N N 221 
LYS HE3  H  N N 222 
LYS HZ1  H  N N 223 
LYS HZ2  H  N N 224 
LYS HZ3  H  N N 225 
LYS HXT  H  N N 226 
MET N    N  N N 227 
MET CA   C  N S 228 
MET C    C  N N 229 
MET O    O  N N 230 
MET CB   C  N N 231 
MET CG   C  N N 232 
MET SD   S  N N 233 
MET CE   C  N N 234 
MET OXT  O  N N 235 
MET H    H  N N 236 
MET H2   H  N N 237 
MET HA   H  N N 238 
MET HB2  H  N N 239 
MET HB3  H  N N 240 
MET HG2  H  N N 241 
MET HG3  H  N N 242 
MET HE1  H  N N 243 
MET HE2  H  N N 244 
MET HE3  H  N N 245 
MET HXT  H  N N 246 
MSE N    N  N N 247 
MSE CA   C  N S 248 
MSE C    C  N N 249 
MSE O    O  N N 250 
MSE OXT  O  N N 251 
MSE CB   C  N N 252 
MSE CG   C  N N 253 
MSE SE   SE N N 254 
MSE CE   C  N N 255 
MSE H    H  N N 256 
MSE H2   H  N N 257 
MSE HA   H  N N 258 
MSE HXT  H  N N 259 
MSE HB2  H  N N 260 
MSE HB3  H  N N 261 
MSE HG2  H  N N 262 
MSE HG3  H  N N 263 
MSE HE1  H  N N 264 
MSE HE2  H  N N 265 
MSE HE3  H  N N 266 
PHE N    N  N N 267 
PHE CA   C  N S 268 
PHE C    C  N N 269 
PHE O    O  N N 270 
PHE CB   C  N N 271 
PHE CG   C  Y N 272 
PHE CD1  C  Y N 273 
PHE CD2  C  Y N 274 
PHE CE1  C  Y N 275 
PHE CE2  C  Y N 276 
PHE CZ   C  Y N 277 
PHE OXT  O  N N 278 
PHE H    H  N N 279 
PHE H2   H  N N 280 
PHE HA   H  N N 281 
PHE HB2  H  N N 282 
PHE HB3  H  N N 283 
PHE HD1  H  N N 284 
PHE HD2  H  N N 285 
PHE HE1  H  N N 286 
PHE HE2  H  N N 287 
PHE HZ   H  N N 288 
PHE HXT  H  N N 289 
PRO N    N  N N 290 
PRO CA   C  N S 291 
PRO C    C  N N 292 
PRO O    O  N N 293 
PRO CB   C  N N 294 
PRO CG   C  N N 295 
PRO CD   C  N N 296 
PRO OXT  O  N N 297 
PRO H    H  N N 298 
PRO HA   H  N N 299 
PRO HB2  H  N N 300 
PRO HB3  H  N N 301 
PRO HG2  H  N N 302 
PRO HG3  H  N N 303 
PRO HD2  H  N N 304 
PRO HD3  H  N N 305 
PRO HXT  H  N N 306 
SER N    N  N N 307 
SER CA   C  N S 308 
SER C    C  N N 309 
SER O    O  N N 310 
SER CB   C  N N 311 
SER OG   O  N N 312 
SER OXT  O  N N 313 
SER H    H  N N 314 
SER H2   H  N N 315 
SER HA   H  N N 316 
SER HB2  H  N N 317 
SER HB3  H  N N 318 
SER HG   H  N N 319 
SER HXT  H  N N 320 
THR N    N  N N 321 
THR CA   C  N S 322 
THR C    C  N N 323 
THR O    O  N N 324 
THR CB   C  N R 325 
THR OG1  O  N N 326 
THR CG2  C  N N 327 
THR OXT  O  N N 328 
THR H    H  N N 329 
THR H2   H  N N 330 
THR HA   H  N N 331 
THR HB   H  N N 332 
THR HG1  H  N N 333 
THR HG21 H  N N 334 
THR HG22 H  N N 335 
THR HG23 H  N N 336 
THR HXT  H  N N 337 
TRP N    N  N N 338 
TRP CA   C  N S 339 
TRP C    C  N N 340 
TRP O    O  N N 341 
TRP CB   C  N N 342 
TRP CG   C  Y N 343 
TRP CD1  C  Y N 344 
TRP CD2  C  Y N 345 
TRP NE1  N  Y N 346 
TRP CE2  C  Y N 347 
TRP CE3  C  Y N 348 
TRP CZ2  C  Y N 349 
TRP CZ3  C  Y N 350 
TRP CH2  C  Y N 351 
TRP OXT  O  N N 352 
TRP H    H  N N 353 
TRP H2   H  N N 354 
TRP HA   H  N N 355 
TRP HB2  H  N N 356 
TRP HB3  H  N N 357 
TRP HD1  H  N N 358 
TRP HE1  H  N N 359 
TRP HE3  H  N N 360 
TRP HZ2  H  N N 361 
TRP HZ3  H  N N 362 
TRP HH2  H  N N 363 
TRP HXT  H  N N 364 
TYR N    N  N N 365 
TYR CA   C  N S 366 
TYR C    C  N N 367 
TYR O    O  N N 368 
TYR CB   C  N N 369 
TYR CG   C  Y N 370 
TYR CD1  C  Y N 371 
TYR CD2  C  Y N 372 
TYR CE1  C  Y N 373 
TYR CE2  C  Y N 374 
TYR CZ   C  Y N 375 
TYR OH   O  N N 376 
TYR OXT  O  N N 377 
TYR H    H  N N 378 
TYR H2   H  N N 379 
TYR HA   H  N N 380 
TYR HB2  H  N N 381 
TYR HB3  H  N N 382 
TYR HD1  H  N N 383 
TYR HD2  H  N N 384 
TYR HE1  H  N N 385 
TYR HE2  H  N N 386 
TYR HH   H  N N 387 
TYR HXT  H  N N 388 
VAL N    N  N N 389 
VAL CA   C  N S 390 
VAL C    C  N N 391 
VAL O    O  N N 392 
VAL CB   C  N N 393 
VAL CG1  C  N N 394 
VAL CG2  C  N N 395 
VAL OXT  O  N N 396 
VAL H    H  N N 397 
VAL H2   H  N N 398 
VAL HA   H  N N 399 
VAL HB   H  N N 400 
VAL HG11 H  N N 401 
VAL HG12 H  N N 402 
VAL HG13 H  N N 403 
VAL HG21 H  N N 404 
VAL HG22 H  N N 405 
VAL HG23 H  N N 406 
VAL HXT  H  N N 407 
# 
loop_
_chem_comp_bond.comp_id 
_chem_comp_bond.atom_id_1 
_chem_comp_bond.atom_id_2 
_chem_comp_bond.value_order 
_chem_comp_bond.pdbx_aromatic_flag 
_chem_comp_bond.pdbx_stereo_config 
_chem_comp_bond.pdbx_ordinal 
ALA N   CA   sing N N 1   
ALA N   H    sing N N 2   
ALA N   H2   sing N N 3   
ALA CA  C    sing N N 4   
ALA CA  CB   sing N N 5   
ALA CA  HA   sing N N 6   
ALA C   O    doub N N 7   
ALA C   OXT  sing N N 8   
ALA CB  HB1  sing N N 9   
ALA CB  HB2  sing N N 10  
ALA CB  HB3  sing N N 11  
ALA OXT HXT  sing N N 12  
ARG N   CA   sing N N 13  
ARG N   H    sing N N 14  
ARG N   H2   sing N N 15  
ARG CA  C    sing N N 16  
ARG CA  CB   sing N N 17  
ARG CA  HA   sing N N 18  
ARG C   O    doub N N 19  
ARG C   OXT  sing N N 20  
ARG CB  CG   sing N N 21  
ARG CB  HB2  sing N N 22  
ARG CB  HB3  sing N N 23  
ARG CG  CD   sing N N 24  
ARG CG  HG2  sing N N 25  
ARG CG  HG3  sing N N 26  
ARG CD  NE   sing N N 27  
ARG CD  HD2  sing N N 28  
ARG CD  HD3  sing N N 29  
ARG NE  CZ   sing N N 30  
ARG NE  HE   sing N N 31  
ARG CZ  NH1  sing N N 32  
ARG CZ  NH2  doub N N 33  
ARG NH1 HH11 sing N N 34  
ARG NH1 HH12 sing N N 35  
ARG NH2 HH21 sing N N 36  
ARG NH2 HH22 sing N N 37  
ARG OXT HXT  sing N N 38  
ASN N   CA   sing N N 39  
ASN N   H    sing N N 40  
ASN N   H2   sing N N 41  
ASN CA  C    sing N N 42  
ASN CA  CB   sing N N 43  
ASN CA  HA   sing N N 44  
ASN C   O    doub N N 45  
ASN C   OXT  sing N N 46  
ASN CB  CG   sing N N 47  
ASN CB  HB2  sing N N 48  
ASN CB  HB3  sing N N 49  
ASN CG  OD1  doub N N 50  
ASN CG  ND2  sing N N 51  
ASN ND2 HD21 sing N N 52  
ASN ND2 HD22 sing N N 53  
ASN OXT HXT  sing N N 54  
ASP N   CA   sing N N 55  
ASP N   H    sing N N 56  
ASP N   H2   sing N N 57  
ASP CA  C    sing N N 58  
ASP CA  CB   sing N N 59  
ASP CA  HA   sing N N 60  
ASP C   O    doub N N 61  
ASP C   OXT  sing N N 62  
ASP CB  CG   sing N N 63  
ASP CB  HB2  sing N N 64  
ASP CB  HB3  sing N N 65  
ASP CG  OD1  doub N N 66  
ASP CG  OD2  sing N N 67  
ASP OD2 HD2  sing N N 68  
ASP OXT HXT  sing N N 69  
CYS N   CA   sing N N 70  
CYS N   H    sing N N 71  
CYS N   H2   sing N N 72  
CYS CA  C    sing N N 73  
CYS CA  CB   sing N N 74  
CYS CA  HA   sing N N 75  
CYS C   O    doub N N 76  
CYS C   OXT  sing N N 77  
CYS CB  SG   sing N N 78  
CYS CB  HB2  sing N N 79  
CYS CB  HB3  sing N N 80  
CYS SG  HG   sing N N 81  
CYS OXT HXT  sing N N 82  
GLN N   CA   sing N N 83  
GLN N   H    sing N N 84  
GLN N   H2   sing N N 85  
GLN CA  C    sing N N 86  
GLN CA  CB   sing N N 87  
GLN CA  HA   sing N N 88  
GLN C   O    doub N N 89  
GLN C   OXT  sing N N 90  
GLN CB  CG   sing N N 91  
GLN CB  HB2  sing N N 92  
GLN CB  HB3  sing N N 93  
GLN CG  CD   sing N N 94  
GLN CG  HG2  sing N N 95  
GLN CG  HG3  sing N N 96  
GLN CD  OE1  doub N N 97  
GLN CD  NE2  sing N N 98  
GLN NE2 HE21 sing N N 99  
GLN NE2 HE22 sing N N 100 
GLN OXT HXT  sing N N 101 
GLU N   CA   sing N N 102 
GLU N   H    sing N N 103 
GLU N   H2   sing N N 104 
GLU CA  C    sing N N 105 
GLU CA  CB   sing N N 106 
GLU CA  HA   sing N N 107 
GLU C   O    doub N N 108 
GLU C   OXT  sing N N 109 
GLU CB  CG   sing N N 110 
GLU CB  HB2  sing N N 111 
GLU CB  HB3  sing N N 112 
GLU CG  CD   sing N N 113 
GLU CG  HG2  sing N N 114 
GLU CG  HG3  sing N N 115 
GLU CD  OE1  doub N N 116 
GLU CD  OE2  sing N N 117 
GLU OE2 HE2  sing N N 118 
GLU OXT HXT  sing N N 119 
GLY N   CA   sing N N 120 
GLY N   H    sing N N 121 
GLY N   H2   sing N N 122 
GLY CA  C    sing N N 123 
GLY CA  HA2  sing N N 124 
GLY CA  HA3  sing N N 125 
GLY C   O    doub N N 126 
GLY C   OXT  sing N N 127 
GLY OXT HXT  sing N N 128 
HIS N   CA   sing N N 129 
HIS N   H    sing N N 130 
HIS N   H2   sing N N 131 
HIS CA  C    sing N N 132 
HIS CA  CB   sing N N 133 
HIS CA  HA   sing N N 134 
HIS C   O    doub N N 135 
HIS C   OXT  sing N N 136 
HIS CB  CG   sing N N 137 
HIS CB  HB2  sing N N 138 
HIS CB  HB3  sing N N 139 
HIS CG  ND1  sing Y N 140 
HIS CG  CD2  doub Y N 141 
HIS ND1 CE1  doub Y N 142 
HIS ND1 HD1  sing N N 143 
HIS CD2 NE2  sing Y N 144 
HIS CD2 HD2  sing N N 145 
HIS CE1 NE2  sing Y N 146 
HIS CE1 HE1  sing N N 147 
HIS NE2 HE2  sing N N 148 
HIS OXT HXT  sing N N 149 
ILE N   CA   sing N N 150 
ILE N   H    sing N N 151 
ILE N   H2   sing N N 152 
ILE CA  C    sing N N 153 
ILE CA  CB   sing N N 154 
ILE CA  HA   sing N N 155 
ILE C   O    doub N N 156 
ILE C   OXT  sing N N 157 
ILE CB  CG1  sing N N 158 
ILE CB  CG2  sing N N 159 
ILE CB  HB   sing N N 160 
ILE CG1 CD1  sing N N 161 
ILE CG1 HG12 sing N N 162 
ILE CG1 HG13 sing N N 163 
ILE CG2 HG21 sing N N 164 
ILE CG2 HG22 sing N N 165 
ILE CG2 HG23 sing N N 166 
ILE CD1 HD11 sing N N 167 
ILE CD1 HD12 sing N N 168 
ILE CD1 HD13 sing N N 169 
ILE OXT HXT  sing N N 170 
LEU N   CA   sing N N 171 
LEU N   H    sing N N 172 
LEU N   H2   sing N N 173 
LEU CA  C    sing N N 174 
LEU CA  CB   sing N N 175 
LEU CA  HA   sing N N 176 
LEU C   O    doub N N 177 
LEU C   OXT  sing N N 178 
LEU CB  CG   sing N N 179 
LEU CB  HB2  sing N N 180 
LEU CB  HB3  sing N N 181 
LEU CG  CD1  sing N N 182 
LEU CG  CD2  sing N N 183 
LEU CG  HG   sing N N 184 
LEU CD1 HD11 sing N N 185 
LEU CD1 HD12 sing N N 186 
LEU CD1 HD13 sing N N 187 
LEU CD2 HD21 sing N N 188 
LEU CD2 HD22 sing N N 189 
LEU CD2 HD23 sing N N 190 
LEU OXT HXT  sing N N 191 
LYS N   CA   sing N N 192 
LYS N   H    sing N N 193 
LYS N   H2   sing N N 194 
LYS CA  C    sing N N 195 
LYS CA  CB   sing N N 196 
LYS CA  HA   sing N N 197 
LYS C   O    doub N N 198 
LYS C   OXT  sing N N 199 
LYS CB  CG   sing N N 200 
LYS CB  HB2  sing N N 201 
LYS CB  HB3  sing N N 202 
LYS CG  CD   sing N N 203 
LYS CG  HG2  sing N N 204 
LYS CG  HG3  sing N N 205 
LYS CD  CE   sing N N 206 
LYS CD  HD2  sing N N 207 
LYS CD  HD3  sing N N 208 
LYS CE  NZ   sing N N 209 
LYS CE  HE2  sing N N 210 
LYS CE  HE3  sing N N 211 
LYS NZ  HZ1  sing N N 212 
LYS NZ  HZ2  sing N N 213 
LYS NZ  HZ3  sing N N 214 
LYS OXT HXT  sing N N 215 
MET N   CA   sing N N 216 
MET N   H    sing N N 217 
MET N   H2   sing N N 218 
MET CA  C    sing N N 219 
MET CA  CB   sing N N 220 
MET CA  HA   sing N N 221 
MET C   O    doub N N 222 
MET C   OXT  sing N N 223 
MET CB  CG   sing N N 224 
MET CB  HB2  sing N N 225 
MET CB  HB3  sing N N 226 
MET CG  SD   sing N N 227 
MET CG  HG2  sing N N 228 
MET CG  HG3  sing N N 229 
MET SD  CE   sing N N 230 
MET CE  HE1  sing N N 231 
MET CE  HE2  sing N N 232 
MET CE  HE3  sing N N 233 
MET OXT HXT  sing N N 234 
MSE N   CA   sing N N 235 
MSE N   H    sing N N 236 
MSE N   H2   sing N N 237 
MSE CA  C    sing N N 238 
MSE CA  CB   sing N N 239 
MSE CA  HA   sing N N 240 
MSE C   O    doub N N 241 
MSE C   OXT  sing N N 242 
MSE OXT HXT  sing N N 243 
MSE CB  CG   sing N N 244 
MSE CB  HB2  sing N N 245 
MSE CB  HB3  sing N N 246 
MSE CG  SE   sing N N 247 
MSE CG  HG2  sing N N 248 
MSE CG  HG3  sing N N 249 
MSE SE  CE   sing N N 250 
MSE CE  HE1  sing N N 251 
MSE CE  HE2  sing N N 252 
MSE CE  HE3  sing N N 253 
PHE N   CA   sing N N 254 
PHE N   H    sing N N 255 
PHE N   H2   sing N N 256 
PHE CA  C    sing N N 257 
PHE CA  CB   sing N N 258 
PHE CA  HA   sing N N 259 
PHE C   O    doub N N 260 
PHE C   OXT  sing N N 261 
PHE CB  CG   sing N N 262 
PHE CB  HB2  sing N N 263 
PHE CB  HB3  sing N N 264 
PHE CG  CD1  doub Y N 265 
PHE CG  CD2  sing Y N 266 
PHE CD1 CE1  sing Y N 267 
PHE CD1 HD1  sing N N 268 
PHE CD2 CE2  doub Y N 269 
PHE CD2 HD2  sing N N 270 
PHE CE1 CZ   doub Y N 271 
PHE CE1 HE1  sing N N 272 
PHE CE2 CZ   sing Y N 273 
PHE CE2 HE2  sing N N 274 
PHE CZ  HZ   sing N N 275 
PHE OXT HXT  sing N N 276 
PRO N   CA   sing N N 277 
PRO N   CD   sing N N 278 
PRO N   H    sing N N 279 
PRO CA  C    sing N N 280 
PRO CA  CB   sing N N 281 
PRO CA  HA   sing N N 282 
PRO C   O    doub N N 283 
PRO C   OXT  sing N N 284 
PRO CB  CG   sing N N 285 
PRO CB  HB2  sing N N 286 
PRO CB  HB3  sing N N 287 
PRO CG  CD   sing N N 288 
PRO CG  HG2  sing N N 289 
PRO CG  HG3  sing N N 290 
PRO CD  HD2  sing N N 291 
PRO CD  HD3  sing N N 292 
PRO OXT HXT  sing N N 293 
SER N   CA   sing N N 294 
SER N   H    sing N N 295 
SER N   H2   sing N N 296 
SER CA  C    sing N N 297 
SER CA  CB   sing N N 298 
SER CA  HA   sing N N 299 
SER C   O    doub N N 300 
SER C   OXT  sing N N 301 
SER CB  OG   sing N N 302 
SER CB  HB2  sing N N 303 
SER CB  HB3  sing N N 304 
SER OG  HG   sing N N 305 
SER OXT HXT  sing N N 306 
THR N   CA   sing N N 307 
THR N   H    sing N N 308 
THR N   H2   sing N N 309 
THR CA  C    sing N N 310 
THR CA  CB   sing N N 311 
THR CA  HA   sing N N 312 
THR C   O    doub N N 313 
THR C   OXT  sing N N 314 
THR CB  OG1  sing N N 315 
THR CB  CG2  sing N N 316 
THR CB  HB   sing N N 317 
THR OG1 HG1  sing N N 318 
THR CG2 HG21 sing N N 319 
THR CG2 HG22 sing N N 320 
THR CG2 HG23 sing N N 321 
THR OXT HXT  sing N N 322 
TRP N   CA   sing N N 323 
TRP N   H    sing N N 324 
TRP N   H2   sing N N 325 
TRP CA  C    sing N N 326 
TRP CA  CB   sing N N 327 
TRP CA  HA   sing N N 328 
TRP C   O    doub N N 329 
TRP C   OXT  sing N N 330 
TRP CB  CG   sing N N 331 
TRP CB  HB2  sing N N 332 
TRP CB  HB3  sing N N 333 
TRP CG  CD1  doub Y N 334 
TRP CG  CD2  sing Y N 335 
TRP CD1 NE1  sing Y N 336 
TRP CD1 HD1  sing N N 337 
TRP CD2 CE2  doub Y N 338 
TRP CD2 CE3  sing Y N 339 
TRP NE1 CE2  sing Y N 340 
TRP NE1 HE1  sing N N 341 
TRP CE2 CZ2  sing Y N 342 
TRP CE3 CZ3  doub Y N 343 
TRP CE3 HE3  sing N N 344 
TRP CZ2 CH2  doub Y N 345 
TRP CZ2 HZ2  sing N N 346 
TRP CZ3 CH2  sing Y N 347 
TRP CZ3 HZ3  sing N N 348 
TRP CH2 HH2  sing N N 349 
TRP OXT HXT  sing N N 350 
TYR N   CA   sing N N 351 
TYR N   H    sing N N 352 
TYR N   H2   sing N N 353 
TYR CA  C    sing N N 354 
TYR CA  CB   sing N N 355 
TYR CA  HA   sing N N 356 
TYR C   O    doub N N 357 
TYR C   OXT  sing N N 358 
TYR CB  CG   sing N N 359 
TYR CB  HB2  sing N N 360 
TYR CB  HB3  sing N N 361 
TYR CG  CD1  doub Y N 362 
TYR CG  CD2  sing Y N 363 
TYR CD1 CE1  sing Y N 364 
TYR CD1 HD1  sing N N 365 
TYR CD2 CE2  doub Y N 366 
TYR CD2 HD2  sing N N 367 
TYR CE1 CZ   doub Y N 368 
TYR CE1 HE1  sing N N 369 
TYR CE2 CZ   sing Y N 370 
TYR CE2 HE2  sing N N 371 
TYR CZ  OH   sing N N 372 
TYR OH  HH   sing N N 373 
TYR OXT HXT  sing N N 374 
VAL N   CA   sing N N 375 
VAL N   H    sing N N 376 
VAL N   H2   sing N N 377 
VAL CA  C    sing N N 378 
VAL CA  CB   sing N N 379 
VAL CA  HA   sing N N 380 
VAL C   O    doub N N 381 
VAL C   OXT  sing N N 382 
VAL CB  CG1  sing N N 383 
VAL CB  CG2  sing N N 384 
VAL CB  HB   sing N N 385 
VAL CG1 HG11 sing N N 386 
VAL CG1 HG12 sing N N 387 
VAL CG1 HG13 sing N N 388 
VAL CG2 HG21 sing N N 389 
VAL CG2 HG22 sing N N 390 
VAL CG2 HG23 sing N N 391 
VAL OXT HXT  sing N N 392 
# 
_atom_sites.entry_id                    1FIM 
_atom_sites.fract_transf_matrix[1][1]   0.01269916 
_atom_sites.fract_transf_matrix[1][2]   0.00093188 
_atom_sites.fract_transf_matrix[1][3]   0.01367336 
_atom_sites.fract_transf_matrix[2][1]   -0.00537222 
_atom_sites.fract_transf_matrix[2][2]   0.00373892 
_atom_sites.fract_transf_matrix[2][3]   0.01750005 
_atom_sites.fract_transf_matrix[3][1]   -0.00215659 
_atom_sites.fract_transf_matrix[3][2]   -0.01831609 
_atom_sites.fract_transf_matrix[3][3]   0.00325123 
_atom_sites.fract_transf_vector[1]      0.432890 
_atom_sites.fract_transf_vector[2]      0.133055 
_atom_sites.fract_transf_vector[3]      0.394360 
# 
loop_
_atom_type.symbol 
C  
N  
O  
S  
SE 
# 
loop_
_atom_site.group_PDB 
_atom_site.id 
_atom_site.type_symbol 
_atom_site.label_atom_id 
_atom_site.label_alt_id 
_atom_site.label_comp_id 
_atom_site.label_asym_id 
_atom_site.label_entity_id 
_atom_site.label_seq_id 
_atom_site.pdbx_PDB_ins_code 
_atom_site.Cartn_x 
_atom_site.Cartn_y 
_atom_site.Cartn_z 
_atom_site.occupancy 
_atom_site.B_iso_or_equiv 
_atom_site.pdbx_formal_charge 
_atom_site.auth_seq_id 
_atom_site.auth_comp_id 
_atom_site.auth_asym_id 
_atom_site.auth_atom_id 
_atom_site.pdbx_PDB_model_num 
ATOM   1   N  N   . PRO A 1 1   ? 11.555  5.036   -2.352  1.00 17.60 ? 1   PRO A N   1 
ATOM   2   C  CA  . PRO A 1 1   ? 10.523  5.264   -1.314  1.00 14.23 ? 1   PRO A CA  1 
ATOM   3   C  C   . PRO A 1 1   ? 10.225  3.959   -0.581  1.00 19.73 ? 1   PRO A C   1 
ATOM   4   O  O   . PRO A 1 1   ? 10.720  2.888   -0.978  1.00 19.54 ? 1   PRO A O   1 
ATOM   5   C  CB  . PRO A 1 1   ? 9.289   5.736   -2.031  1.00 16.26 ? 1   PRO A CB  1 
ATOM   6   C  CG  . PRO A 1 1   ? 9.413   4.968   -3.360  1.00 17.78 ? 1   PRO A CG  1 
ATOM   7   C  CD  . PRO A 1 1   ? 10.931  5.129   -3.682  1.00 17.66 ? 1   PRO A CD  1 
ATOM   8   N  N   . ALA A 1 2   ? 9.389   4.042   0.450   1.00 17.43 ? 2   ALA A N   1 
ATOM   9   C  CA  . ALA A 1 2   ? 9.040   2.881   1.262   1.00 21.63 ? 2   ALA A CA  1 
ATOM   10  C  C   . ALA A 1 2   ? 7.511   2.845   1.393   1.00 21.55 ? 2   ALA A C   1 
ATOM   11  O  O   . ALA A 1 2   ? 6.913   3.871   1.737   1.00 17.99 ? 2   ALA A O   1 
ATOM   12  C  CB  . ALA A 1 2   ? 9.712   2.989   2.683   1.00 11.45 ? 2   ALA A CB  1 
ATOM   13  N  N   . PHE A 1 3   ? 6.902   1.688   1.103   1.00 18.10 ? 3   PHE A N   1 
ATOM   14  C  CA  . PHE A 1 3   ? 5.442   1.499   1.202   1.00 15.87 ? 3   PHE A CA  1 
ATOM   15  C  C   . PHE A 1 3   ? 5.128   0.509   2.316   1.00 15.86 ? 3   PHE A C   1 
ATOM   16  O  O   . PHE A 1 3   ? 5.551   -0.638  2.285   1.00 16.95 ? 3   PHE A O   1 
ATOM   17  C  CB  . PHE A 1 3   ? 4.874   0.970   -0.114  1.00 13.97 ? 3   PHE A CB  1 
ATOM   18  C  CG  . PHE A 1 3   ? 3.363   0.973   -0.167  1.00 19.28 ? 3   PHE A CG  1 
ATOM   19  C  CD1 . PHE A 1 3   ? 2.635   2.106   0.247   1.00 16.94 ? 3   PHE A CD1 1 
ATOM   20  C  CD2 . PHE A 1 3   ? 2.664   -0.148  -0.601  1.00 15.60 ? 3   PHE A CD2 1 
ATOM   21  C  CE1 . PHE A 1 3   ? 1.236   2.116   0.234   1.00 18.78 ? 3   PHE A CE1 1 
ATOM   22  C  CE2 . PHE A 1 3   ? 1.240   -0.151  -0.616  1.00 18.00 ? 3   PHE A CE2 1 
ATOM   23  C  CZ  . PHE A 1 3   ? 0.531   0.984   -0.196  1.00 16.92 ? 3   PHE A CZ  1 
ATOM   24  N  N   . ILE A 1 4   ? 4.405   0.959   3.324   1.00 15.55 ? 4   ILE A N   1 
ATOM   25  C  CA  . ILE A 1 4   ? 4.080   0.089   4.437   1.00 18.87 ? 4   ILE A CA  1 
ATOM   26  C  C   . ILE A 1 4   ? 2.601   -0.245  4.375   1.00 18.27 ? 4   ILE A C   1 
ATOM   27  O  O   . ILE A 1 4   ? 1.802   0.658   4.226   1.00 15.19 ? 4   ILE A O   1 
ATOM   28  C  CB  . ILE A 1 4   ? 4.299   0.787   5.800   1.00 22.07 ? 4   ILE A CB  1 
ATOM   29  C  CG1 . ILE A 1 4   ? 5.666   1.493   5.873   1.00 23.27 ? 4   ILE A CG1 1 
ATOM   30  C  CG2 . ILE A 1 4   ? 4.017   -0.216  6.910   1.00 18.34 ? 4   ILE A CG2 1 
ATOM   31  C  CD1 . ILE A 1 4   ? 6.823   0.711   5.300   1.00 28.78 ? 4   ILE A CD1 1 
ATOM   32  N  N   . VAL A 1 5   ? 2.223   -1.513  4.546   1.00 20.27 ? 5   VAL A N   1 
ATOM   33  C  CA  . VAL A 1 5   ? 0.796   -1.877  4.531   1.00 15.44 ? 5   VAL A CA  1 
ATOM   34  C  C   . VAL A 1 5   ? 0.458   -2.622  5.836   1.00 16.73 ? 5   VAL A C   1 
ATOM   35  O  O   . VAL A 1 5   ? 1.092   -3.639  6.128   1.00 15.13 ? 5   VAL A O   1 
ATOM   36  C  CB  . VAL A 1 5   ? 0.442   -2.854  3.348   1.00 18.90 ? 5   VAL A CB  1 
ATOM   37  C  CG1 . VAL A 1 5   ? -1.064  -3.188  3.348   1.00 14.55 ? 5   VAL A CG1 1 
ATOM   38  C  CG2 . VAL A 1 5   ? 0.875   -2.300  1.986   1.00 14.84 ? 5   VAL A CG2 1 
ATOM   39  N  N   . ASN A 1 6   ? -0.488  -2.109  6.624   1.00 12.77 ? 6   ASN A N   1 
ATOM   40  C  CA  . ASN A 1 6   ? -0.947  -2.797  7.848   1.00 14.76 ? 6   ASN A CA  1 
ATOM   41  C  C   . ASN A 1 6   ? -2.350  -3.306  7.550   1.00 15.34 ? 6   ASN A C   1 
ATOM   42  O  O   . ASN A 1 6   ? -3.221  -2.506  7.213   1.00 16.80 ? 6   ASN A O   1 
ATOM   43  C  CB  . ASN A 1 6   ? -0.952  -1.866  9.047   1.00 13.97 ? 6   ASN A CB  1 
ATOM   44  C  CG  . ASN A 1 6   ? 0.470   -1.496  9.477   1.00 24.02 ? 6   ASN A CG  1 
ATOM   45  O  OD1 . ASN A 1 6   ? 1.188   -2.311  10.025  1.00 21.11 ? 6   ASN A OD1 1 
ATOM   46  N  ND2 . ASN A 1 6   ? 0.872   -0.265  9.218   1.00 24.61 ? 6   ASN A ND2 1 
ATOM   47  N  N   . THR A 1 7   ? -2.562  -4.621  7.633   1.00 12.74 ? 7   THR A N   1 
ATOM   48  C  CA  . THR A 1 7   ? -3.860  -5.210  7.296   1.00 11.52 ? 7   THR A CA  1 
ATOM   49  C  C   . THR A 1 7   ? -4.368  -6.302  8.259   1.00 14.19 ? 7   THR A C   1 
ATOM   50  O  O   . THR A 1 7   ? -3.590  -6.950  8.978   1.00 13.78 ? 7   THR A O   1 
ATOM   51  C  CB  . THR A 1 7   ? -3.875  -5.739  5.823   1.00 11.15 ? 7   THR A CB  1 
ATOM   52  O  OG1 . THR A 1 7   ? -5.166  -6.260  5.514   1.00 18.07 ? 7   THR A OG1 1 
ATOM   53  C  CG2 . THR A 1 7   ? -2.888  -6.815  5.623   1.00 10.51 ? 7   THR A CG2 1 
ATOM   54  N  N   . ASN A 1 8   ? -5.687  -6.418  8.358   1.00 12.66 ? 8   ASN A N   1 
ATOM   55  C  CA  . ASN A 1 8   ? -6.253  -7.427  9.220   1.00 15.25 ? 8   ASN A CA  1 
ATOM   56  C  C   . ASN A 1 8   ? -6.544  -8.755  8.492   1.00 17.35 ? 8   ASN A C   1 
ATOM   57  O  O   . ASN A 1 8   ? -7.081  -9.662  9.091   1.00 19.22 ? 8   ASN A O   1 
ATOM   58  C  CB  . ASN A 1 8   ? -7.483  -6.896  9.955   1.00 15.03 ? 8   ASN A CB  1 
ATOM   59  C  CG  . ASN A 1 8   ? -8.573  -6.411  9.024   1.00 15.28 ? 8   ASN A CG  1 
ATOM   60  O  OD1 . ASN A 1 8   ? -8.398  -6.345  7.799   1.00 17.10 ? 8   ASN A OD1 1 
ATOM   61  N  ND2 . ASN A 1 8   ? -9.703  -6.028  9.605   1.00 15.64 ? 8   ASN A ND2 1 
ATOM   62  N  N   . VAL A 1 9   ? -6.228  -8.853  7.196   1.00 20.14 ? 9   VAL A N   1 
ATOM   63  C  CA  . VAL A 1 9   ? -6.414  -10.109 6.447   1.00 19.86 ? 9   VAL A CA  1 
ATOM   64  C  C   . VAL A 1 9   ? -5.301  -11.084 6.898   1.00 23.69 ? 9   VAL A C   1 
ATOM   65  O  O   . VAL A 1 9   ? -4.188  -10.662 7.254   1.00 23.27 ? 9   VAL A O   1 
ATOM   66  C  CB  . VAL A 1 9   ? -6.403  -9.937  4.860   1.00 17.38 ? 9   VAL A CB  1 
ATOM   67  C  CG1 . VAL A 1 9   ? -7.310  -8.819  4.408   1.00 16.25 ? 9   VAL A CG1 1 
ATOM   68  C  CG2 . VAL A 1 9   ? -5.053  -9.710  4.346   1.00 20.26 ? 9   VAL A CG2 1 
ATOM   69  N  N   . PRO A 1 10  ? -5.608  -12.389 6.966   1.00 27.09 ? 10  PRO A N   1 
ATOM   70  C  CA  . PRO A 1 10  ? -4.655  -13.423 7.387   1.00 24.20 ? 10  PRO A CA  1 
ATOM   71  C  C   . PRO A 1 10  ? -3.415  -13.529 6.511   1.00 25.87 ? 10  PRO A C   1 
ATOM   72  O  O   . PRO A 1 10  ? -3.466  -13.239 5.321   1.00 25.58 ? 10  PRO A O   1 
ATOM   73  C  CB  . PRO A 1 10  ? -5.480  -14.703 7.307   1.00 23.59 ? 10  PRO A CB  1 
ATOM   74  C  CG  . PRO A 1 10  ? -6.858  -14.252 7.568   1.00 26.23 ? 10  PRO A CG  1 
ATOM   75  C  CD  . PRO A 1 10  ? -6.951  -12.975 6.754   1.00 28.34 ? 10  PRO A CD  1 
ATOM   76  N  N   . ARG A 1 11  ? -2.303  -13.967 7.099   1.00 28.22 ? 11  ARG A N   1 
ATOM   77  C  CA  . ARG A 1 11  ? -1.059  -14.126 6.341   1.00 31.68 ? 11  ARG A CA  1 
ATOM   78  C  C   . ARG A 1 11  ? -1.230  -15.093 5.174   1.00 32.78 ? 11  ARG A C   1 
ATOM   79  O  O   . ARG A 1 11  ? -0.586  -14.935 4.130   1.00 35.03 ? 11  ARG A O   1 
ATOM   80  C  CB  . ARG A 1 11  ? 0.074   -14.621 7.243   1.00 32.80 ? 11  ARG A CB  1 
ATOM   81  C  CG  . ARG A 1 11  ? 1.475   -14.619 6.592   1.00 36.35 ? 11  ARG A CG  1 
ATOM   82  C  CD  . ARG A 1 11  ? 1.710   -15.837 5.666   1.00 40.54 ? 11  ARG A CD  1 
ATOM   83  N  NE  . ARG A 1 11  ? 3.002   -15.760 4.999   1.00 35.92 ? 11  ARG A NE  1 
ATOM   84  C  CZ  . ARG A 1 11  ? 3.161   -15.355 3.753   1.00 36.41 ? 11  ARG A CZ  1 
ATOM   85  N  NH1 . ARG A 1 11  ? 2.098   -15.024 3.027   1.00 33.87 ? 11  ARG A NH1 1 
ATOM   86  N  NH2 . ARG A 1 11  ? 4.391   -15.123 3.304   1.00 36.21 ? 11  ARG A NH2 1 
ATOM   87  N  N   . ALA A 1 12  ? -2.110  -16.071 5.332   1.00 32.33 ? 12  ALA A N   1 
ATOM   88  C  CA  . ALA A 1 12  ? -2.326  -17.062 4.292   1.00 35.11 ? 12  ALA A CA  1 
ATOM   89  C  C   . ALA A 1 12  ? -3.184  -16.552 3.152   1.00 36.53 ? 12  ALA A C   1 
ATOM   90  O  O   . ALA A 1 12  ? -3.297  -17.208 2.126   1.00 36.94 ? 12  ALA A O   1 
ATOM   91  C  CB  . ALA A 1 12  ? -2.921  -18.314 4.880   1.00 39.19 ? 12  ALA A CB  1 
ATOM   92  N  N   . SER A 1 13  ? -3.788  -15.384 3.310   1.00 37.00 ? 13  SER A N   1 
ATOM   93  C  CA  . SER A 1 13  ? -4.588  -14.851 2.226   1.00 38.26 ? 13  SER A CA  1 
ATOM   94  C  C   . SER A 1 13  ? -3.705  -13.984 1.339   1.00 37.00 ? 13  SER A C   1 
ATOM   95  O  O   . SER A 1 13  ? -4.162  -13.436 0.339   1.00 42.53 ? 13  SER A O   1 
ATOM   96  C  CB  . SER A 1 13  ? -5.774  -14.057 2.758   1.00 41.57 ? 13  SER A CB  1 
ATOM   97  O  OG  . SER A 1 13  ? -5.339  -12.938 3.508   1.00 51.87 ? 13  SER A OG  1 
ATOM   98  N  N   . VAL A 1 14  ? -2.434  -13.873 1.702   1.00 33.76 ? 14  VAL A N   1 
ATOM   99  C  CA  . VAL A 1 14  ? -1.488  -13.080 0.930   1.00 33.35 ? 14  VAL A CA  1 
ATOM   100 C  C   . VAL A 1 14  ? -0.814  -14.048 -0.037  1.00 30.42 ? 14  VAL A C   1 
ATOM   101 O  O   . VAL A 1 14  ? -0.212  -15.030 0.377   1.00 32.01 ? 14  VAL A O   1 
ATOM   102 C  CB  . VAL A 1 14  ? -0.446  -12.353 1.878   1.00 36.33 ? 14  VAL A CB  1 
ATOM   103 C  CG1 . VAL A 1 14  ? 0.590   -11.509 1.072   1.00 30.93 ? 14  VAL A CG1 1 
ATOM   104 C  CG2 . VAL A 1 14  ? -1.208  -11.467 2.873   1.00 35.12 ? 14  VAL A CG2 1 
ATOM   105 N  N   . PRO A 1 15  ? -0.969  -13.815 -1.346  1.00 29.57 ? 15  PRO A N   1 
ATOM   106 C  CA  . PRO A 1 15  ? -0.407  -14.630 -2.434  1.00 28.14 ? 15  PRO A CA  1 
ATOM   107 C  C   . PRO A 1 15  ? 1.116   -14.746 -2.461  1.00 27.17 ? 15  PRO A C   1 
ATOM   108 O  O   . PRO A 1 15  ? 1.823   -13.854 -2.006  1.00 27.93 ? 15  PRO A O   1 
ATOM   109 C  CB  . PRO A 1 15  ? -0.856  -13.879 -3.691  1.00 25.94 ? 15  PRO A CB  1 
ATOM   110 C  CG  . PRO A 1 15  ? -2.095  -13.145 -3.249  1.00 30.03 ? 15  PRO A CG  1 
ATOM   111 C  CD  . PRO A 1 15  ? -1.787  -12.697 -1.865  1.00 28.06 ? 15  PRO A CD  1 
ATOM   112 N  N   . GLU A 1 16  ? 1.620   -15.818 -3.064  1.00 26.46 ? 16  GLU A N   1 
ATOM   113 C  CA  . GLU A 1 16  ? 3.064   -15.998 -3.221  1.00 28.03 ? 16  GLU A CA  1 
ATOM   114 C  C   . GLU A 1 16  ? 3.370   -15.041 -4.384  1.00 26.50 ? 16  GLU A C   1 
ATOM   115 O  O   . GLU A 1 16  ? 2.677   -15.043 -5.403  1.00 27.45 ? 16  GLU A O   1 
ATOM   116 C  CB  . GLU A 1 16  ? 3.407   -17.447 -3.619  1.00 30.78 ? 16  GLU A CB  1 
ATOM   117 C  CG  . GLU A 1 16  ? 4.903   -17.792 -3.533  1.00 35.54 ? 16  GLU A CG  1 
ATOM   118 C  CD  . GLU A 1 16  ? 5.288   -19.065 -4.302  1.00 35.96 ? 16  GLU A CD  1 
ATOM   119 O  OE1 . GLU A 1 16  ? 4.526   -20.053 -4.270  1.00 35.22 ? 16  GLU A OE1 1 
ATOM   120 O  OE2 . GLU A 1 16  ? 6.358   -19.056 -4.950  1.00 31.26 ? 16  GLU A OE2 1 
ATOM   121 N  N   . GLY A 1 17  ? 4.379   -14.197 -4.220  1.00 28.71 ? 17  GLY A N   1 
ATOM   122 C  CA  . GLY A 1 17  ? 4.692   -13.212 -5.254  1.00 28.90 ? 17  GLY A CA  1 
ATOM   123 C  C   . GLY A 1 17  ? 4.083   -11.810 -5.008  1.00 28.33 ? 17  GLY A C   1 
ATOM   124 O  O   . GLY A 1 17  ? 4.335   -10.891 -5.797  1.00 30.82 ? 17  GLY A O   1 
ATOM   125 N  N   . PHE A 1 18  ? 3.267   -11.642 -3.957  1.00 22.40 ? 18  PHE A N   1 
ATOM   126 C  CA  . PHE A 1 18  ? 2.665   -10.341 -3.662  1.00 21.98 ? 18  PHE A CA  1 
ATOM   127 C  C   . PHE A 1 18  ? 3.702   -9.235  -3.390  1.00 22.36 ? 18  PHE A C   1 
ATOM   128 O  O   . PHE A 1 18  ? 3.544   -8.131  -3.895  1.00 22.23 ? 18  PHE A O   1 
ATOM   129 C  CB  . PHE A 1 18  ? 1.692   -10.416 -2.476  1.00 21.56 ? 18  PHE A CB  1 
ATOM   130 C  CG  . PHE A 1 18  ? 0.903   -9.141  -2.253  1.00 23.70 ? 18  PHE A CG  1 
ATOM   131 C  CD1 . PHE A 1 18  ? 0.095   -8.609  -3.283  1.00 23.70 ? 18  PHE A CD1 1 
ATOM   132 C  CD2 . PHE A 1 18  ? 0.950   -8.472  -1.029  1.00 18.39 ? 18  PHE A CD2 1 
ATOM   133 C  CE1 . PHE A 1 18  ? -0.655  -7.435  -3.100  1.00 20.63 ? 18  PHE A CE1 1 
ATOM   134 C  CE2 . PHE A 1 18  ? 0.209   -7.294  -0.833  1.00 18.20 ? 18  PHE A CE2 1 
ATOM   135 C  CZ  . PHE A 1 18  ? -0.600  -6.779  -1.875  1.00 19.83 ? 18  PHE A CZ  1 
ATOM   136 N  N   . LEU A 1 19  ? 4.751   -9.517  -2.612  1.00 19.09 ? 19  LEU A N   1 
ATOM   137 C  CA  . LEU A 1 19  ? 5.775   -8.502  -2.303  1.00 21.30 ? 19  LEU A CA  1 
ATOM   138 C  C   . LEU A 1 19  ? 6.561   -8.159  -3.526  1.00 24.07 ? 19  LEU A C   1 
ATOM   139 O  O   . LEU A 1 19  ? 6.924   -7.003  -3.705  1.00 25.50 ? 19  LEU A O   1 
ATOM   140 C  CB  . LEU A 1 19  ? 6.724   -8.913  -1.171  1.00 21.84 ? 19  LEU A CB  1 
ATOM   141 C  CG  . LEU A 1 19  ? 6.300   -8.841  0.319   1.00 24.22 ? 19  LEU A CG  1 
ATOM   142 C  CD1 . LEU A 1 19  ? 6.710   -7.542  0.932   1.00 25.75 ? 19  LEU A CD1 1 
ATOM   143 C  CD2 . LEU A 1 19  ? 4.814   -9.008  0.516   1.00 27.04 ? 19  LEU A CD2 1 
ATOM   144 N  N   . SER A 1 20  ? 6.766   -9.141  -4.407  1.00 23.91 ? 20  SER A N   1 
ATOM   145 C  CA  . SER A 1 20  ? 7.486   -8.914  -5.663  1.00 25.49 ? 20  SER A CA  1 
ATOM   146 C  C   . SER A 1 20  ? 6.635   -8.078  -6.629  1.00 21.40 ? 20  SER A C   1 
ATOM   147 O  O   . SER A 1 20  ? 7.113   -7.111  -7.245  1.00 20.31 ? 20  SER A O   1 
ATOM   148 C  CB  . SER A 1 20  ? 7.919   -10.252 -6.323  1.00 32.23 ? 20  SER A CB  1 
ATOM   149 O  OG  . SER A 1 20  ? 6.845   -11.199 -6.398  1.00 44.63 ? 20  SER A OG  1 
ATOM   150 N  N   . GLU A 1 21  ? 5.357   -8.421  -6.715  1.00 12.97 ? 21  GLU A N   1 
ATOM   151 C  CA  . GLU A 1 21  ? 4.438   -7.691  -7.576  1.00 20.43 ? 21  GLU A CA  1 
ATOM   152 C  C   . GLU A 1 21  ? 4.343   -6.227  -7.138  1.00 22.82 ? 21  GLU A C   1 
ATOM   153 O  O   . GLU A 1 21  ? 4.620   -5.308  -7.911  1.00 24.36 ? 21  GLU A O   1 
ATOM   154 C  CB  . GLU A 1 21  ? 3.055   -8.311  -7.498  1.00 18.20 ? 21  GLU A CB  1 
ATOM   155 C  CG  . GLU A 1 21  ? 2.068   -7.690  -8.408  1.00 30.26 ? 21  GLU A CG  1 
ATOM   156 C  CD  . GLU A 1 21  ? 0.745   -8.419  -8.376  1.00 40.04 ? 21  GLU A CD  1 
ATOM   157 O  OE1 . GLU A 1 21  ? 0.503   -9.144  -7.377  1.00 42.14 ? 21  GLU A OE1 1 
ATOM   158 O  OE2 . GLU A 1 21  ? -0.045  -8.276  -9.345  1.00 43.92 ? 21  GLU A OE2 1 
ATOM   159 N  N   . LEU A 1 22  ? 3.951   -6.022  -5.886  1.00 20.12 ? 22  LEU A N   1 
ATOM   160 C  CA  . LEU A 1 22  ? 3.824   -4.678  -5.299  1.00 24.50 ? 22  LEU A CA  1 
ATOM   161 C  C   . LEU A 1 22  ? 5.110   -3.844  -5.531  1.00 24.89 ? 22  LEU A C   1 
ATOM   162 O  O   . LEU A 1 22  ? 5.045   -2.730  -6.041  1.00 24.73 ? 22  LEU A O   1 
ATOM   163 C  CB  . LEU A 1 22  ? 3.513   -4.830  -3.820  1.00 20.85 ? 22  LEU A CB  1 
ATOM   164 C  CG  . LEU A 1 22  ? 3.025   -3.700  -2.945  1.00 30.78 ? 22  LEU A CG  1 
ATOM   165 C  CD1 . LEU A 1 22  ? 1.771   -3.051  -3.537  1.00 26.83 ? 22  LEU A CD1 1 
ATOM   166 C  CD2 . LEU A 1 22  ? 2.736   -4.323  -1.588  1.00 29.12 ? 22  LEU A CD2 1 
ATOM   167 N  N   . THR A 1 23  ? 6.270   -4.455  -5.297  1.00 24.60 ? 23  THR A N   1 
ATOM   168 C  CA  . THR A 1 23  ? 7.570   -3.836  -5.502  1.00 24.04 ? 23  THR A CA  1 
ATOM   169 C  C   . THR A 1 23  ? 7.716   -3.323  -6.944  1.00 29.81 ? 23  THR A C   1 
ATOM   170 O  O   . THR A 1 23  ? 8.093   -2.157  -7.164  1.00 28.70 ? 23  THR A O   1 
ATOM   171 C  CB  . THR A 1 23  ? 8.645   -4.886  -5.228  1.00 26.22 ? 23  THR A CB  1 
ATOM   172 O  OG1 . THR A 1 23  ? 8.526   -5.304  -3.870  1.00 27.77 ? 23  THR A OG1 1 
ATOM   173 C  CG2 . THR A 1 23  ? 10.059  -4.357  -5.492  1.00 24.22 ? 23  THR A CG2 1 
ATOM   174 N  N   . GLN A 1 24  ? 7.372   -4.180  -7.915  1.00 32.10 ? 24  GLN A N   1 
ATOM   175 C  CA  . GLN A 1 24  ? 7.491   -3.854  -9.341  1.00 33.85 ? 24  GLN A CA  1 
ATOM   176 C  C   . GLN A 1 24  ? 6.523   -2.755  -9.717  1.00 33.42 ? 24  GLN A C   1 
ATOM   177 O  O   . GLN A 1 24  ? 6.799   -1.913  -10.586 1.00 29.53 ? 24  GLN A O   1 
ATOM   178 C  CB  . GLN A 1 24  ? 7.239   -5.091  -10.213 1.00 38.64 ? 24  GLN A CB  1 
ATOM   179 C  CG  . GLN A 1 24  ? 8.165   -6.257  -9.931  1.00 54.27 ? 24  GLN A CG  1 
ATOM   180 C  CD  . GLN A 1 24  ? 7.841   -7.495  -10.766 1.00 63.98 ? 24  GLN A CD  1 
ATOM   181 O  OE1 . GLN A 1 24  ? 6.873   -8.217  -10.504 1.00 67.73 ? 24  GLN A OE1 1 
ATOM   182 N  NE2 . GLN A 1 24  ? 8.678   -7.763  -11.757 1.00 70.29 ? 24  GLN A NE2 1 
ATOM   183 N  N   . GLN A 1 25  ? 5.364   -2.794  -9.072  1.00 31.91 ? 25  GLN A N   1 
ATOM   184 C  CA  . GLN A 1 25  ? 4.333   -1.807  -9.312  1.00 33.26 ? 25  GLN A CA  1 
ATOM   185 C  C   . GLN A 1 25  ? 4.811   -0.440  -8.858  1.00 32.32 ? 25  GLN A C   1 
ATOM   186 O  O   . GLN A 1 25  ? 4.774   0.507   -9.637  1.00 33.68 ? 25  GLN A O   1 
ATOM   187 C  CB  . GLN A 1 25  ? 3.045   -2.209  -8.618  1.00 33.76 ? 25  GLN A CB  1 
ATOM   188 C  CG  . GLN A 1 25  ? 2.315   -3.282  -9.397  1.00 41.79 ? 25  GLN A CG  1 
ATOM   189 C  CD  . GLN A 1 25  ? 1.622   -2.708  -10.616 1.00 46.04 ? 25  GLN A CD  1 
ATOM   190 O  OE1 . GLN A 1 25  ? 0.695   -1.902  -10.484 1.00 48.76 ? 25  GLN A OE1 1 
ATOM   191 N  NE2 . GLN A 1 25  ? 2.088   -3.085  -11.807 1.00 44.29 ? 25  GLN A NE2 1 
ATOM   192 N  N   . LEU A 1 26  ? 5.323   -0.347  -7.637  1.00 28.58 ? 26  LEU A N   1 
ATOM   193 C  CA  . LEU A 1 26  ? 5.822   0.930   -7.159  1.00 29.50 ? 26  LEU A CA  1 
ATOM   194 C  C   . LEU A 1 26  ? 6.939   1.435   -8.038  1.00 31.20 ? 26  LEU A C   1 
ATOM   195 O  O   . LEU A 1 26  ? 7.051   2.637   -8.254  1.00 35.52 ? 26  LEU A O   1 
ATOM   196 C  CB  . LEU A 1 26  ? 6.312   0.851   -5.733  1.00 25.77 ? 26  LEU A CB  1 
ATOM   197 C  CG  . LEU A 1 26  ? 5.227   1.080   -4.698  1.00 28.45 ? 26  LEU A CG  1 
ATOM   198 C  CD1 . LEU A 1 26  ? 5.796   0.595   -3.381  1.00 34.28 ? 26  LEU A CD1 1 
ATOM   199 C  CD2 . LEU A 1 26  ? 4.820   2.546   -4.629  1.00 24.14 ? 26  LEU A CD2 1 
ATOM   200 N  N   . ALA A 1 27  ? 7.767   0.524   -8.542  1.00 32.70 ? 27  ALA A N   1 
ATOM   201 C  CA  . ALA A 1 27  ? 8.871   0.917   -9.427  1.00 35.96 ? 27  ALA A CA  1 
ATOM   202 C  C   . ALA A 1 27  ? 8.305   1.536   -10.709 1.00 36.83 ? 27  ALA A C   1 
ATOM   203 O  O   . ALA A 1 27  ? 8.837   2.541   -11.192 1.00 38.96 ? 27  ALA A O   1 
ATOM   204 C  CB  . ALA A 1 27  ? 9.789   -0.279  -9.737  1.00 29.58 ? 27  ALA A CB  1 
ATOM   205 N  N   . GLN A 1 28  ? 7.217   0.963   -11.234 1.00 38.15 ? 28  GLN A N   1 
ATOM   206 C  CA  . GLN A 1 28  ? 6.559   1.497   -12.436 1.00 41.53 ? 28  GLN A CA  1 
ATOM   207 C  C   . GLN A 1 28  ? 5.936   2.848   -12.083 1.00 40.55 ? 28  GLN A C   1 
ATOM   208 O  O   . GLN A 1 28  ? 6.293   3.879   -12.645 1.00 46.27 ? 28  GLN A O   1 
ATOM   209 C  CB  . GLN A 1 28  ? 5.427   0.582   -12.923 1.00 46.38 ? 28  GLN A CB  1 
ATOM   210 C  CG  . GLN A 1 28  ? 5.810   -0.545  -13.845 1.00 56.85 ? 28  GLN A CG  1 
ATOM   211 C  CD  . GLN A 1 28  ? 4.671   -1.560  -14.014 1.00 65.30 ? 28  GLN A CD  1 
ATOM   212 O  OE1 . GLN A 1 28  ? 3.494   -1.245  -13.804 1.00 70.18 ? 28  GLN A OE1 1 
ATOM   213 N  NE2 . GLN A 1 28  ? 5.026   -2.792  -14.359 1.00 68.64 ? 28  GLN A NE2 1 
ATOM   214 N  N   . ALA A 1 29  ? 5.028   2.849   -11.120 1.00 33.89 ? 29  ALA A N   1 
ATOM   215 C  CA  . ALA A 1 29  ? 4.353   4.068   -10.731 1.00 32.51 ? 29  ALA A CA  1 
ATOM   216 C  C   . ALA A 1 29  ? 5.280   5.262   -10.447 1.00 34.45 ? 29  ALA A C   1 
ATOM   217 O  O   . ALA A 1 29  ? 5.055   6.365   -10.953 1.00 36.61 ? 29  ALA A O   1 
ATOM   218 C  CB  . ALA A 1 29  ? 3.446   3.794   -9.537  1.00 24.63 ? 29  ALA A CB  1 
ATOM   219 N  N   . THR A 1 30  ? 6.350   5.038   -9.698  1.00 31.71 ? 30  THR A N   1 
ATOM   220 C  CA  . THR A 1 30  ? 7.235   6.135   -9.333  1.00 29.66 ? 30  THR A CA  1 
ATOM   221 C  C   . THR A 1 30  ? 8.389   6.440   -10.289 1.00 29.35 ? 30  THR A C   1 
ATOM   222 O  O   . THR A 1 30  ? 9.061   7.442   -10.133 1.00 26.84 ? 30  THR A O   1 
ATOM   223 C  CB  . THR A 1 30  ? 7.818   5.900   -7.903  1.00 30.00 ? 30  THR A CB  1 
ATOM   224 O  OG1 . THR A 1 30  ? 8.720   4.783   -7.922  1.00 35.09 ? 30  THR A OG1 1 
ATOM   225 C  CG2 . THR A 1 30  ? 6.702   5.618   -6.903  1.00 23.12 ? 30  THR A CG2 1 
ATOM   226 N  N   . GLY A 1 31  ? 8.622   5.590   -11.276 1.00 29.35 ? 31  GLY A N   1 
ATOM   227 C  CA  . GLY A 1 31  ? 9.742   5.831   -12.150 1.00 30.09 ? 31  GLY A CA  1 
ATOM   228 C  C   . GLY A 1 31  ? 11.097  5.598   -11.477 1.00 36.25 ? 31  GLY A C   1 
ATOM   229 O  O   . GLY A 1 31  ? 12.134  5.969   -12.047 1.00 36.63 ? 31  GLY A O   1 
ATOM   230 N  N   . LYS A 1 32  ? 11.116  5.000   -10.275 1.00 37.46 ? 32  LYS A N   1 
ATOM   231 C  CA  . LYS A 1 32  ? 12.373  4.692   -9.559  1.00 34.23 ? 32  LYS A CA  1 
ATOM   232 C  C   . LYS A 1 32  ? 12.738  3.214   -9.755  1.00 36.42 ? 32  LYS A C   1 
ATOM   233 O  O   . LYS A 1 32  ? 11.864  2.348   -9.836  1.00 36.92 ? 32  LYS A O   1 
ATOM   234 C  CB  . LYS A 1 32  ? 12.240  4.951   -8.065  1.00 32.00 ? 32  LYS A CB  1 
ATOM   235 C  CG  . LYS A 1 32  ? 11.800  6.341   -7.694  1.00 32.93 ? 32  LYS A CG  1 
ATOM   236 C  CD  . LYS A 1 32  ? 12.966  7.233   -7.385  1.00 35.31 ? 32  LYS A CD  1 
ATOM   237 C  CE  . LYS A 1 32  ? 12.492  8.641   -7.120  1.00 36.80 ? 32  LYS A CE  1 
ATOM   238 N  NZ  . LYS A 1 32  ? 11.766  9.220   -8.289  1.00 40.36 ? 32  LYS A NZ  1 
ATOM   239 N  N   . PRO A 1 33  ? 14.043  2.899   -9.843  1.00 38.75 ? 33  PRO A N   1 
ATOM   240 C  CA  . PRO A 1 33  ? 14.424  1.493   -10.024 1.00 40.21 ? 33  PRO A CA  1 
ATOM   241 C  C   . PRO A 1 33  ? 14.174  0.725   -8.722  1.00 39.78 ? 33  PRO A C   1 
ATOM   242 O  O   . PRO A 1 33  ? 14.305  1.306   -7.637  1.00 40.16 ? 33  PRO A O   1 
ATOM   243 C  CB  . PRO A 1 33  ? 15.923  1.588   -10.325 1.00 38.97 ? 33  PRO A CB  1 
ATOM   244 C  CG  . PRO A 1 33  ? 16.345  2.759   -9.501  1.00 37.79 ? 33  PRO A CG  1 
ATOM   245 C  CD  . PRO A 1 33  ? 15.238  3.761   -9.787  1.00 38.54 ? 33  PRO A CD  1 
ATOM   246 N  N   . ALA A 1 34  ? 13.834  -0.566  -8.835  1.00 39.51 ? 34  ALA A N   1 
ATOM   247 C  CA  . ALA A 1 34  ? 13.567  -1.450  -7.685  1.00 33.30 ? 34  ALA A CA  1 
ATOM   248 C  C   . ALA A 1 34  ? 14.597  -1.268  -6.558  1.00 31.74 ? 34  ALA A C   1 
ATOM   249 O  O   . ALA A 1 34  ? 14.289  -1.447  -5.383  1.00 30.46 ? 34  ALA A O   1 
ATOM   250 C  CB  . ALA A 1 34  ? 13.527  -2.910  -8.148  1.00 32.45 ? 34  ALA A CB  1 
ATOM   251 N  N   . GLN A 1 35  ? 15.801  -0.841  -6.917  1.00 28.34 ? 35  GLN A N   1 
ATOM   252 C  CA  . GLN A 1 35  ? 16.850  -0.595  -5.943  1.00 32.26 ? 35  GLN A CA  1 
ATOM   253 C  C   . GLN A 1 35  ? 16.492  0.472   -4.918  1.00 31.02 ? 35  GLN A C   1 
ATOM   254 O  O   . GLN A 1 35  ? 17.024  0.448   -3.815  1.00 30.56 ? 35  GLN A O   1 
ATOM   255 C  CB  . GLN A 1 35  ? 18.158  -0.170  -6.652  1.00 41.84 ? 35  GLN A CB  1 
ATOM   256 C  CG  . GLN A 1 35  ? 18.196  1.282   -7.181  1.00 49.41 ? 35  GLN A CG  1 
ATOM   257 C  CD  . GLN A 1 35  ? 19.399  1.564   -8.090  1.00 58.28 ? 35  GLN A CD  1 
ATOM   258 O  OE1 . GLN A 1 35  ? 20.313  2.332   -7.741  1.00 57.23 ? 35  GLN A OE1 1 
ATOM   259 N  NE2 . GLN A 1 35  ? 19.393  0.954   -9.276  1.00 63.16 ? 35  GLN A NE2 1 
ATOM   260 N  N   . TYR A 1 36  ? 15.646  1.431   -5.288  1.00 31.44 ? 36  TYR A N   1 
ATOM   261 C  CA  . TYR A 1 36  ? 15.282  2.523   -4.371  1.00 34.02 ? 36  TYR A CA  1 
ATOM   262 C  C   . TYR A 1 36  ? 13.940  2.330   -3.639  1.00 34.62 ? 36  TYR A C   1 
ATOM   263 O  O   . TYR A 1 36  ? 13.409  3.256   -2.990  1.00 35.26 ? 36  TYR A O   1 
ATOM   264 C  CB  . TYR A 1 36  ? 15.281  3.848   -5.137  1.00 38.28 ? 36  TYR A CB  1 
ATOM   265 C  CG  . TYR A 1 36  ? 16.676  4.319   -5.525  1.00 42.73 ? 36  TYR A CG  1 
ATOM   266 C  CD1 . TYR A 1 36  ? 17.788  3.925   -4.779  1.00 44.86 ? 36  TYR A CD1 1 
ATOM   267 C  CD2 . TYR A 1 36  ? 16.876  5.171   -6.610  1.00 42.39 ? 36  TYR A CD2 1 
ATOM   268 C  CE1 . TYR A 1 36  ? 19.055  4.373   -5.086  1.00 47.50 ? 36  TYR A CE1 1 
ATOM   269 C  CE2 . TYR A 1 36  ? 18.140  5.618   -6.938  1.00 45.87 ? 36  TYR A CE2 1 
ATOM   270 C  CZ  . TYR A 1 36  ? 19.232  5.221   -6.163  1.00 48.85 ? 36  TYR A CZ  1 
ATOM   271 O  OH  . TYR A 1 36  ? 20.498  5.723   -6.407  1.00 50.76 ? 36  TYR A OH  1 
ATOM   272 N  N   . ILE A 1 37  ? 13.454  1.095   -3.673  1.00 30.33 ? 37  ILE A N   1 
ATOM   273 C  CA  . ILE A 1 37  ? 12.177  0.752   -3.089  1.00 26.10 ? 37  ILE A CA  1 
ATOM   274 C  C   . ILE A 1 37  ? 12.216  -0.281  -1.976  1.00 23.80 ? 37  ILE A C   1 
ATOM   275 O  O   . ILE A 1 37  ? 12.967  -1.239  -2.051  1.00 24.32 ? 37  ILE A O   1 
ATOM   276 C  CB  . ILE A 1 37  ? 11.302  0.204   -4.204  1.00 26.92 ? 37  ILE A CB  1 
ATOM   277 C  CG1 . ILE A 1 37  ? 11.243  1.224   -5.332  1.00 23.53 ? 37  ILE A CG1 1 
ATOM   278 C  CG2 . ILE A 1 37  ? 9.935   -0.246  -3.663  1.00 29.24 ? 37  ILE A CG2 1 
ATOM   279 C  CD1 . ILE A 1 37  ? 10.119  1.015   -6.268  1.00 26.54 ? 37  ILE A CD1 1 
ATOM   280 N  N   . ALA A 1 38  ? 11.371  -0.090  -0.968  1.00 20.03 ? 38  ALA A N   1 
ATOM   281 C  CA  . ALA A 1 38  ? 11.239  -1.031  0.134   1.00 19.74 ? 38  ALA A CA  1 
ATOM   282 C  C   . ALA A 1 38  ? 9.739   -1.183  0.350   1.00 20.83 ? 38  ALA A C   1 
ATOM   283 O  O   . ALA A 1 38  ? 8.993   -0.191  0.278   1.00 17.90 ? 38  ALA A O   1 
ATOM   284 C  CB  . ALA A 1 38  ? 11.910  -0.517  1.429   1.00 19.50 ? 38  ALA A CB  1 
ATOM   285 N  N   . VAL A 1 39  ? 9.309   -2.430  0.572   1.00 20.04 ? 39  VAL A N   1 
ATOM   286 C  CA  . VAL A 1 39  ? 7.919   -2.761  0.827   1.00 16.97 ? 39  VAL A CA  1 
ATOM   287 C  C   . VAL A 1 39  ? 7.864   -3.543  2.137   1.00 17.24 ? 39  VAL A C   1 
ATOM   288 O  O   . VAL A 1 39  ? 8.760   -4.323  2.441   1.00 21.65 ? 39  VAL A O   1 
ATOM   289 C  CB  . VAL A 1 39  ? 7.343   -3.604  -0.319  1.00 17.24 ? 39  VAL A CB  1 
ATOM   290 C  CG1 . VAL A 1 39  ? 5.892   -3.892  -0.057  1.00 20.73 ? 39  VAL A CG1 1 
ATOM   291 C  CG2 . VAL A 1 39  ? 7.460   -2.859  -1.650  1.00 18.83 ? 39  VAL A CG2 1 
ATOM   292 N  N   . HIS A 1 40  ? 6.876   -3.261  2.970   1.00 19.21 ? 40  HIS A N   1 
ATOM   293 C  CA  . HIS A 1 40  ? 6.725   -3.922  4.258   1.00 13.07 ? 40  HIS A CA  1 
ATOM   294 C  C   . HIS A 1 40  ? 5.235   -4.216  4.408   1.00 15.55 ? 40  HIS A C   1 
ATOM   295 O  O   . HIS A 1 40  ? 4.429   -3.291  4.405   1.00 12.93 ? 40  HIS A O   1 
ATOM   296 C  CB  . HIS A 1 40  ? 7.208   -2.988  5.369   1.00 14.56 ? 40  HIS A CB  1 
ATOM   297 C  CG  . HIS A 1 40  ? 7.085   -3.574  6.754   1.00 14.64 ? 40  HIS A CG  1 
ATOM   298 N  ND1 . HIS A 1 40  ? 7.271   -2.808  7.895   1.00 15.34 ? 40  HIS A ND1 1 
ATOM   299 C  CD2 . HIS A 1 40  ? 6.791   -4.817  7.179   1.00 15.23 ? 40  HIS A CD2 1 
ATOM   300 C  CE1 . HIS A 1 40  ? 7.100   -3.569  8.960   1.00 12.75 ? 40  HIS A CE1 1 
ATOM   301 N  NE2 . HIS A 1 40  ? 6.805   -4.792  8.554   1.00 17.30 ? 40  HIS A NE2 1 
ATOM   302 N  N   . VAL A 1 41  ? 4.876   -5.508  4.445   1.00 15.07 ? 41  VAL A N   1 
ATOM   303 C  CA  . VAL A 1 41  ? 3.473   -5.929  4.574   1.00 11.23 ? 41  VAL A CA  1 
ATOM   304 C  C   . VAL A 1 41  ? 3.281   -6.620  5.920   1.00 14.78 ? 41  VAL A C   1 
ATOM   305 O  O   . VAL A 1 41  ? 4.064   -7.480  6.294   1.00 16.67 ? 41  VAL A O   1 
ATOM   306 C  CB  . VAL A 1 41  ? 3.085   -6.848  3.413   1.00 10.04 ? 41  VAL A CB  1 
ATOM   307 C  CG1 . VAL A 1 41  ? 1.633   -7.372  3.590   1.00 8.48  ? 41  VAL A CG1 1 
ATOM   308 C  CG2 . VAL A 1 41  ? 3.204   -6.041  2.143   1.00 7.58  ? 41  VAL A CG2 1 
ATOM   309 N  N   . VAL A 1 42  ? 2.333   -6.138  6.709   1.00 17.07 ? 42  VAL A N   1 
ATOM   310 C  CA  . VAL A 1 42  ? 2.088   -6.702  8.032   1.00 14.80 ? 42  VAL A CA  1 
ATOM   311 C  C   . VAL A 1 42  ? 0.653   -7.225  8.121   1.00 17.08 ? 42  VAL A C   1 
ATOM   312 O  O   . VAL A 1 42  ? -0.294  -6.432  8.223   1.00 15.22 ? 42  VAL A O   1 
ATOM   313 C  CB  . VAL A 1 42  ? 2.287   -5.653  9.108   1.00 16.38 ? 42  VAL A CB  1 
ATOM   314 C  CG1 . VAL A 1 42  ? 2.374   -6.329  10.439  1.00 16.72 ? 42  VAL A CG1 1 
ATOM   315 C  CG2 . VAL A 1 42  ? 3.522   -4.797  8.812   1.00 13.77 ? 42  VAL A CG2 1 
ATOM   316 N  N   . PRO A 1 43  ? 0.464   -8.565  7.994   1.00 18.62 ? 43  PRO A N   1 
ATOM   317 C  CA  . PRO A 1 43  ? -0.888  -9.110  8.066   1.00 15.27 ? 43  PRO A CA  1 
ATOM   318 C  C   . PRO A 1 43  ? -1.294  -9.526  9.495   1.00 13.80 ? 43  PRO A C   1 
ATOM   319 O  O   . PRO A 1 43  ? -0.565  -9.252  10.442  1.00 13.46 ? 43  PRO A O   1 
ATOM   320 C  CB  . PRO A 1 43  ? -0.830  -10.286 7.082   1.00 14.12 ? 43  PRO A CB  1 
ATOM   321 C  CG  . PRO A 1 43  ? 0.592   -10.820 7.302   1.00 15.75 ? 43  PRO A CG  1 
ATOM   322 C  CD  . PRO A 1 43  ? 1.448   -9.595  7.545   1.00 14.96 ? 43  PRO A CD  1 
ATOM   323 N  N   . ASP A 1 44  ? -2.496  -10.075 9.651   1.00 14.26 ? 44  ASP A N   1 
ATOM   324 C  CA  . ASP A 1 44  ? -2.971  -10.552 10.941  1.00 16.08 ? 44  ASP A CA  1 
ATOM   325 C  C   . ASP A 1 44  ? -3.064  -9.509  12.012  1.00 19.58 ? 44  ASP A C   1 
ATOM   326 O  O   . ASP A 1 44  ? -2.878  -9.827  13.186  1.00 21.17 ? 44  ASP A O   1 
ATOM   327 C  CB  . ASP A 1 44  ? -2.054  -11.656 11.454  1.00 19.70 ? 44  ASP A CB  1 
ATOM   328 C  CG  . ASP A 1 44  ? -2.013  -12.822 10.525  1.00 28.64 ? 44  ASP A CG  1 
ATOM   329 O  OD1 . ASP A 1 44  ? -3.080  -13.430 10.298  1.00 33.23 ? 44  ASP A OD1 1 
ATOM   330 O  OD2 . ASP A 1 44  ? -0.926  -13.101 9.994   1.00 32.32 ? 44  ASP A OD2 1 
ATOM   331 N  N   . GLN A 1 45  ? -3.410  -8.279  11.650  1.00 18.87 ? 45  GLN A N   1 
ATOM   332 C  CA  . GLN A 1 45  ? -3.473  -7.232  12.666  1.00 16.51 ? 45  GLN A CA  1 
ATOM   333 C  C   . GLN A 1 45  ? -4.820  -7.060  13.293  1.00 14.24 ? 45  GLN A C   1 
ATOM   334 O  O   . GLN A 1 45  ? -5.842  -7.290  12.658  1.00 15.50 ? 45  GLN A O   1 
ATOM   335 C  CB  . GLN A 1 45  ? -3.041  -5.894  12.077  1.00 16.45 ? 45  GLN A CB  1 
ATOM   336 C  CG  . GLN A 1 45  ? -1.624  -5.903  11.538  1.00 12.85 ? 45  GLN A CG  1 
ATOM   337 C  CD  . GLN A 1 45  ? -0.624  -6.236  12.624  1.00 16.18 ? 45  GLN A CD  1 
ATOM   338 O  OE1 . GLN A 1 45  ? -0.354  -5.413  13.494  1.00 13.70 ? 45  GLN A OE1 1 
ATOM   339 N  NE2 . GLN A 1 45  ? -0.064  -7.441  12.586  1.00 18.27 ? 45  GLN A NE2 1 
ATOM   340 N  N   . LEU A 1 46  ? -4.829  -6.604  14.533  1.00 16.57 ? 46  LEU A N   1 
ATOM   341 C  CA  . LEU A 1 46  ? -6.071  -6.315  15.227  1.00 14.97 ? 46  LEU A CA  1 
ATOM   342 C  C   . LEU A 1 46  ? -6.405  -4.841  14.902  1.00 17.35 ? 46  LEU A C   1 
ATOM   343 O  O   . LEU A 1 46  ? -5.735  -3.910  15.392  1.00 19.10 ? 46  LEU A O   1 
ATOM   344 C  CB  . LEU A 1 46  ? -5.889  -6.473  16.727  1.00 9.57  ? 46  LEU A CB  1 
ATOM   345 C  CG  . LEU A 1 46  ? -5.348  -7.815  17.148  1.00 19.89 ? 46  LEU A CG  1 
ATOM   346 C  CD1 . LEU A 1 46  ? -5.181  -7.852  18.663  1.00 22.69 ? 46  LEU A CD1 1 
ATOM   347 C  CD2 . LEU A 1 46  ? -6.356  -8.834  16.683  1.00 24.38 ? 46  LEU A CD2 1 
HETATM 348 N  N   . MSE A 1 47  ? -7.392  -4.632  14.043  1.00 17.03 ? 47  MSE A N   1 
HETATM 349 C  CA  . MSE A 1 47  ? -7.776  -3.282  13.692  1.00 23.74 ? 47  MSE A CA  1 
HETATM 350 C  C   . MSE A 1 47  ? -9.248  -3.043  13.347  1.00 24.69 ? 47  MSE A C   1 
HETATM 351 O  O   . MSE A 1 47  ? -9.956  -3.964  12.935  1.00 28.16 ? 47  MSE A O   1 
HETATM 352 C  CB  . MSE A 1 47  ? -6.836  -2.716  12.602  1.00 23.09 ? 47  MSE A CB  1 
HETATM 353 C  CG  . MSE A 1 47  ? -6.483  -3.635  11.439  1.00 25.43 ? 47  MSE A CG  1 
HETATM 354 SE SE  . MSE A 1 47  ? -5.152  -2.953  10.311  1.00 16.38 ? 47  MSE A SE  1 
HETATM 355 C  CE  . MSE A 1 47  ? -5.892  -1.637  9.784   1.00 17.10 ? 47  MSE A CE  1 
ATOM   356 N  N   . THR A 1 48  ? -9.749  -1.848  13.676  1.00 23.49 ? 48  THR A N   1 
ATOM   357 C  CA  . THR A 1 48  ? -11.102 -1.486  13.300  1.00 20.12 ? 48  THR A CA  1 
ATOM   358 C  C   . THR A 1 48  ? -10.860 -0.323  12.349  1.00 22.25 ? 48  THR A C   1 
ATOM   359 O  O   . THR A 1 48  ? -9.804  0.297   12.424  1.00 23.90 ? 48  THR A O   1 
ATOM   360 C  CB  . THR A 1 48  ? -11.911 -1.024  14.468  1.00 22.79 ? 48  THR A CB  1 
ATOM   361 O  OG1 . THR A 1 48  ? -11.223 0.056   15.106  1.00 30.51 ? 48  THR A OG1 1 
ATOM   362 C  CG2 . THR A 1 48  ? -12.125 -2.175  15.428  1.00 18.76 ? 48  THR A CG2 1 
ATOM   363 N  N   . PHE A 1 49  ? -11.783 -0.086  11.422  1.00 19.37 ? 49  PHE A N   1 
ATOM   364 C  CA  . PHE A 1 49  ? -11.693 0.971   10.424  1.00 20.70 ? 49  PHE A CA  1 
ATOM   365 C  C   . PHE A 1 49  ? -13.155 1.352   10.127  1.00 25.73 ? 49  PHE A C   1 
ATOM   366 O  O   . PHE A 1 49  ? -13.985 0.470   9.901   1.00 23.48 ? 49  PHE A O   1 
ATOM   367 C  CB  . PHE A 1 49  ? -10.972 0.397   9.213   1.00 22.74 ? 49  PHE A CB  1 
ATOM   368 C  CG  . PHE A 1 49  ? -10.751 1.370   8.076   1.00 32.35 ? 49  PHE A CG  1 
ATOM   369 C  CD1 . PHE A 1 49  ? -11.836 1.865   7.322   1.00 29.65 ? 49  PHE A CD1 1 
ATOM   370 C  CD2 . PHE A 1 49  ? -9.442  1.655   7.643   1.00 32.86 ? 49  PHE A CD2 1 
ATOM   371 C  CE1 . PHE A 1 49  ? -11.618 2.607   6.146   1.00 31.43 ? 49  PHE A CE1 1 
ATOM   372 C  CE2 . PHE A 1 49  ? -9.217  2.392   6.469   1.00 31.43 ? 49  PHE A CE2 1 
ATOM   373 C  CZ  . PHE A 1 49  ? -10.311 2.869   5.715   1.00 32.79 ? 49  PHE A CZ  1 
ATOM   374 N  N   . SER A 1 50  ? -13.467 2.653   10.240  1.00 27.98 ? 50  SER A N   1 
ATOM   375 C  CA  . SER A 1 50  ? -14.816 3.216   10.090  1.00 26.92 ? 50  SER A CA  1 
ATOM   376 C  C   . SER A 1 50  ? -15.802 2.450   10.975  1.00 29.46 ? 50  SER A C   1 
ATOM   377 O  O   . SER A 1 50  ? -16.955 2.204   10.603  1.00 34.00 ? 50  SER A O   1 
ATOM   378 C  CB  . SER A 1 50  ? -15.288 3.228   8.639   1.00 28.65 ? 50  SER A CB  1 
ATOM   379 O  OG  . SER A 1 50  ? -14.417 4.004   7.848   1.00 27.80 ? 50  SER A OG  1 
ATOM   380 N  N   . GLY A 1 51  ? -15.340 2.061   12.149  1.00 26.01 ? 51  GLY A N   1 
ATOM   381 C  CA  . GLY A 1 51  ? -16.213 1.360   13.060  1.00 26.02 ? 51  GLY A CA  1 
ATOM   382 C  C   . GLY A 1 51  ? -16.224 -0.148  13.055  1.00 28.53 ? 51  GLY A C   1 
ATOM   383 O  O   . GLY A 1 51  ? -16.709 -0.756  14.005  1.00 32.65 ? 51  GLY A O   1 
ATOM   384 N  N   . THR A 1 52  ? -15.713 -0.796  12.029  1.00 26.73 ? 52  THR A N   1 
ATOM   385 C  CA  . THR A 1 52  ? -15.767 -2.246  12.102  1.00 28.94 ? 52  THR A CA  1 
ATOM   386 C  C   . THR A 1 52  ? -14.454 -2.955  11.805  1.00 28.48 ? 52  THR A C   1 
ATOM   387 O  O   . THR A 1 52  ? -13.494 -2.347  11.313  1.00 30.35 ? 52  THR A O   1 
ATOM   388 C  CB  . THR A 1 52  ? -16.861 -2.787  11.180  1.00 32.72 ? 52  THR A CB  1 
ATOM   389 O  OG1 . THR A 1 52  ? -16.622 -2.326  9.835   1.00 32.58 ? 52  THR A OG1 1 
ATOM   390 C  CG2 . THR A 1 52  ? -18.241 -2.332  11.664  1.00 33.54 ? 52  THR A CG2 1 
ATOM   391 N  N   . SER A 1 53  ? -14.423 -4.249  12.088  1.00 22.52 ? 53  SER A N   1 
ATOM   392 C  CA  . SER A 1 53  ? -13.236 -5.011  11.833  1.00 24.52 ? 53  SER A CA  1 
ATOM   393 C  C   . SER A 1 53  ? -13.338 -5.826  10.543  1.00 21.61 ? 53  SER A C   1 
ATOM   394 O  O   . SER A 1 53  ? -12.719 -6.877  10.382  1.00 22.89 ? 53  SER A O   1 
ATOM   395 C  CB  . SER A 1 53  ? -12.814 -5.825  13.061  1.00 22.55 ? 53  SER A CB  1 
ATOM   396 O  OG  . SER A 1 53  ? -13.731 -6.850  13.327  1.00 39.72 ? 53  SER A OG  1 
ATOM   397 N  N   . ASP A 1 54  ? -14.131 -5.317  9.609   1.00 20.22 ? 54  ASP A N   1 
ATOM   398 C  CA  . ASP A 1 54  ? -14.245 -5.918  8.286   1.00 20.76 ? 54  ASP A CA  1 
ATOM   399 C  C   . ASP A 1 54  ? -12.833 -5.772  7.710   1.00 20.40 ? 54  ASP A C   1 
ATOM   400 O  O   . ASP A 1 54  ? -12.059 -4.911  8.162   1.00 16.83 ? 54  ASP A O   1 
ATOM   401 C  CB  . ASP A 1 54  ? -15.196 -5.098  7.405   1.00 29.27 ? 54  ASP A CB  1 
ATOM   402 C  CG  . ASP A 1 54  ? -16.612 -5.657  7.359   1.00 35.57 ? 54  ASP A CG  1 
ATOM   403 O  OD1 . ASP A 1 54  ? -16.823 -6.843  7.703   1.00 40.41 ? 54  ASP A OD1 1 
ATOM   404 O  OD2 . ASP A 1 54  ? -17.520 -4.901  6.964   1.00 40.62 ? 54  ASP A OD2 1 
ATOM   405 N  N   . PRO A 1 55  ? -12.477 -6.597  6.720   1.00 18.92 ? 55  PRO A N   1 
ATOM   406 C  CA  . PRO A 1 55  ? -11.128 -6.493  6.132   1.00 18.65 ? 55  PRO A CA  1 
ATOM   407 C  C   . PRO A 1 55  ? -10.785 -5.036  5.737   1.00 20.29 ? 55  PRO A C   1 
ATOM   408 O  O   . PRO A 1 55  ? -11.593 -4.365  5.099   1.00 20.87 ? 55  PRO A O   1 
ATOM   409 C  CB  . PRO A 1 55  ? -11.226 -7.429  4.923   1.00 16.64 ? 55  PRO A CB  1 
ATOM   410 C  CG  . PRO A 1 55  ? -12.163 -8.522  5.433   1.00 14.48 ? 55  PRO A CG  1 
ATOM   411 C  CD  . PRO A 1 55  ? -13.240 -7.703  6.116   1.00 20.01 ? 55  PRO A CD  1 
ATOM   412 N  N   . CYS A 1 56  ? -9.613  -4.545  6.135   1.00 19.82 ? 56  CYS A N   1 
ATOM   413 C  CA  . CYS A 1 56  ? -9.200  -3.182  5.808   1.00 17.96 ? 56  CYS A CA  1 
ATOM   414 C  C   . CYS A 1 56  ? -7.693  -3.107  5.716   1.00 20.30 ? 56  CYS A C   1 
ATOM   415 O  O   . CYS A 1 56  ? -6.997  -4.106  5.953   1.00 21.09 ? 56  CYS A O   1 
ATOM   416 C  CB  . CYS A 1 56  ? -9.674  -2.222  6.887   1.00 18.18 ? 56  CYS A CB  1 
ATOM   417 S  SG  . CYS A 1 56  ? -8.957  -2.588  8.509   1.00 19.60 ? 56  CYS A SG  1 
ATOM   418 N  N   . ALA A 1 57  ? -7.179  -1.929  5.379   1.00 18.04 ? 57  ALA A N   1 
ATOM   419 C  CA  . ALA A 1 57  ? -5.735  -1.724  5.260   1.00 19.19 ? 57  ALA A CA  1 
ATOM   420 C  C   . ALA A 1 57  ? -5.354  -0.273  5.498   1.00 21.24 ? 57  ALA A C   1 
ATOM   421 O  O   . ALA A 1 57  ? -5.939  0.617   4.874   1.00 20.66 ? 57  ALA A O   1 
ATOM   422 C  CB  . ALA A 1 57  ? -5.225  -2.153  3.849   1.00 13.44 ? 57  ALA A CB  1 
ATOM   423 N  N   . LEU A 1 58  ? -4.442  -0.035  6.442   1.00 17.42 ? 58  LEU A N   1 
ATOM   424 C  CA  . LEU A 1 58  ? -3.912  1.310   6.693   1.00 20.52 ? 58  LEU A CA  1 
ATOM   425 C  C   . LEU A 1 58  ? -2.493  1.291   6.100   1.00 17.28 ? 58  LEU A C   1 
ATOM   426 O  O   . LEU A 1 58  ? -1.633  0.533   6.554   1.00 16.69 ? 58  LEU A O   1 
ATOM   427 C  CB  . LEU A 1 58  ? -3.784  1.622   8.182   1.00 20.47 ? 58  LEU A CB  1 
ATOM   428 C  CG  . LEU A 1 58  ? -5.011  2.123   8.901   1.00 30.76 ? 58  LEU A CG  1 
ATOM   429 C  CD1 . LEU A 1 58  ? -4.535  2.670   10.231  1.00 31.69 ? 58  LEU A CD1 1 
ATOM   430 C  CD2 . LEU A 1 58  ? -5.697  3.199   8.082   1.00 34.83 ? 58  LEU A CD2 1 
ATOM   431 N  N   . CYS A 1 59  ? -2.232  2.136   5.120   1.00 15.99 ? 59  CYS A N   1 
ATOM   432 C  CA  . CYS A 1 59  ? -0.918  2.130   4.508   1.00 17.81 ? 59  CYS A CA  1 
ATOM   433 C  C   . CYS A 1 59  ? -0.299  3.500   4.512   1.00 20.32 ? 59  CYS A C   1 
ATOM   434 O  O   . CYS A 1 59  ? -0.996  4.507   4.734   1.00 20.43 ? 59  CYS A O   1 
ATOM   435 C  CB  . CYS A 1 59  ? -1.006  1.703   3.053   1.00 15.08 ? 59  CYS A CB  1 
ATOM   436 S  SG  . CYS A 1 59  ? -2.200  0.434   2.736   1.00 23.02 ? 59  CYS A SG  1 
ATOM   437 N  N   . SER A 1 60  ? 1.015   3.524   4.288   1.00 14.74 ? 60  SER A N   1 
ATOM   438 C  CA  . SER A 1 60  ? 1.707   4.768   4.163   1.00 19.13 ? 60  SER A CA  1 
ATOM   439 C  C   . SER A 1 60  ? 2.848   4.609   3.177   1.00 19.97 ? 60  SER A C   1 
ATOM   440 O  O   . SER A 1 60  ? 3.417   3.510   3.042   1.00 17.07 ? 60  SER A O   1 
ATOM   441 C  CB  . SER A 1 60  ? 2.140   5.308   5.526   1.00 18.50 ? 60  SER A CB  1 
ATOM   442 O  OG  . SER A 1 60  ? 3.150   4.529   6.089   1.00 26.51 ? 60  SER A OG  1 
ATOM   443 N  N   . LEU A 1 61  ? 3.005   5.623   2.326   1.00 17.48 ? 61  LEU A N   1 
ATOM   444 C  CA  . LEU A 1 61  ? 4.109   5.659   1.350   1.00 21.43 ? 61  LEU A CA  1 
ATOM   445 C  C   . LEU A 1 61  ? 5.059   6.811   1.774   1.00 20.11 ? 61  LEU A C   1 
ATOM   446 O  O   . LEU A 1 61  ? 4.593   7.931   1.989   1.00 22.83 ? 61  LEU A O   1 
ATOM   447 C  CB  . LEU A 1 61  ? 3.591   5.916   -0.070  1.00 22.25 ? 61  LEU A CB  1 
ATOM   448 C  CG  . LEU A 1 61  ? 4.688   6.022   -1.144  1.00 24.44 ? 61  LEU A CG  1 
ATOM   449 C  CD1 . LEU A 1 61  ? 5.191   4.634   -1.512  1.00 24.77 ? 61  LEU A CD1 1 
ATOM   450 C  CD2 . LEU A 1 61  ? 4.137   6.704   -2.360  1.00 26.43 ? 61  LEU A CD2 1 
ATOM   451 N  N   . HIS A 1 62  ? 6.345   6.530   1.938   1.00 15.34 ? 62  HIS A N   1 
ATOM   452 C  CA  . HIS A 1 62  ? 7.320   7.529   2.351   1.00 18.16 ? 62  HIS A CA  1 
ATOM   453 C  C   . HIS A 1 62  ? 8.300   7.776   1.254   1.00 21.56 ? 62  HIS A C   1 
ATOM   454 O  O   . HIS A 1 62  ? 8.977   6.853   0.833   1.00 24.90 ? 62  HIS A O   1 
ATOM   455 C  CB  . HIS A 1 62  ? 8.090   7.047   3.564   1.00 20.44 ? 62  HIS A CB  1 
ATOM   456 C  CG  . HIS A 1 62  ? 7.206   6.587   4.679   1.00 20.67 ? 62  HIS A CG  1 
ATOM   457 N  ND1 . HIS A 1 62  ? 7.129   7.254   5.886   1.00 19.06 ? 62  HIS A ND1 1 
ATOM   458 C  CD2 . HIS A 1 62  ? 6.326   5.568   4.743   1.00 17.90 ? 62  HIS A CD2 1 
ATOM   459 C  CE1 . HIS A 1 62  ? 6.227   6.659   6.641   1.00 19.18 ? 62  HIS A CE1 1 
ATOM   460 N  NE2 . HIS A 1 62  ? 5.725   5.638   5.975   1.00 20.45 ? 62  HIS A NE2 1 
ATOM   461 N  N   . SER A 1 63  ? 8.372   9.021   0.785   1.00 23.92 ? 63  SER A N   1 
ATOM   462 C  CA  . SER A 1 63  ? 9.280   9.415   -0.294  1.00 27.73 ? 63  SER A CA  1 
ATOM   463 C  C   . SER A 1 63  ? 10.192  10.566  0.111   1.00 29.88 ? 63  SER A C   1 
ATOM   464 O  O   . SER A 1 63  ? 9.940   11.246  1.088   1.00 25.93 ? 63  SER A O   1 
ATOM   465 C  CB  . SER A 1 63  ? 8.461   9.841   -1.499  1.00 26.02 ? 63  SER A CB  1 
ATOM   466 O  OG  . SER A 1 63  ? 7.665   8.761   -1.971  1.00 35.16 ? 63  SER A OG  1 
ATOM   467 N  N   . ILE A 1 64  ? 11.287  10.734  -0.620  1.00 35.74 ? 64  ILE A N   1 
ATOM   468 C  CA  . ILE A 1 64  ? 12.258  11.820  -0.387  1.00 41.26 ? 64  ILE A CA  1 
ATOM   469 C  C   . ILE A 1 64  ? 11.931  12.941  -1.410  1.00 44.04 ? 64  ILE A C   1 
ATOM   470 O  O   . ILE A 1 64  ? 12.702  13.264  -2.316  1.00 48.59 ? 64  ILE A O   1 
ATOM   471 C  CB  . ILE A 1 64  ? 13.736  11.330  -0.570  1.00 41.67 ? 64  ILE A CB  1 
ATOM   472 C  CG1 . ILE A 1 64  ? 14.141  10.330  0.522   1.00 45.01 ? 64  ILE A CG1 1 
ATOM   473 C  CG2 . ILE A 1 64  ? 14.678  12.506  -0.497  1.00 46.08 ? 64  ILE A CG2 1 
ATOM   474 C  CD1 . ILE A 1 64  ? 13.347  9.056   0.575   1.00 52.33 ? 64  ILE A CD1 1 
ATOM   475 N  N   . GLY A 1 65  ? 10.716  13.449  -1.315  1.00 44.38 ? 65  GLY A N   1 
ATOM   476 C  CA  . GLY A 1 65  ? 10.267  14.505  -2.190  1.00 43.76 ? 65  GLY A CA  1 
ATOM   477 C  C   . GLY A 1 65  ? 8.799   14.679  -1.887  1.00 46.58 ? 65  GLY A C   1 
ATOM   478 O  O   . GLY A 1 65  ? 8.221   13.840  -1.193  1.00 46.21 ? 65  GLY A O   1 
ATOM   479 N  N   . LYS A 1 66  ? 8.213   15.785  -2.337  1.00 46.85 ? 66  LYS A N   1 
ATOM   480 C  CA  . LYS A 1 66  ? 6.792   16.045  -2.138  1.00 46.88 ? 66  LYS A CA  1 
ATOM   481 C  C   . LYS A 1 66  ? 6.045   15.464  -3.340  1.00 46.23 ? 66  LYS A C   1 
ATOM   482 O  O   . LYS A 1 66  ? 6.436   15.678  -4.485  1.00 50.32 ? 66  LYS A O   1 
ATOM   483 C  CB  . LYS A 1 66  ? 6.546   17.548  -2.060  1.00 50.79 ? 66  LYS A CB  1 
ATOM   484 C  CG  . LYS A 1 66  ? 5.125   17.924  -1.708  1.00 56.64 ? 66  LYS A CG  1 
ATOM   485 C  CD  . LYS A 1 66  ? 4.294   18.310  -2.914  1.00 59.32 ? 66  LYS A CD  1 
ATOM   486 C  CE  . LYS A 1 66  ? 2.848   18.585  -2.496  1.00 62.08 ? 66  LYS A CE  1 
ATOM   487 N  NZ  . LYS A 1 66  ? 1.976   18.902  -3.662  1.00 65.57 ? 66  LYS A NZ  1 
ATOM   488 N  N   . ILE A 1 67  ? 4.994   14.704  -3.088  1.00 43.40 ? 67  ILE A N   1 
ATOM   489 C  CA  . ILE A 1 67  ? 4.227   14.108  -4.159  1.00 40.27 ? 67  ILE A CA  1 
ATOM   490 C  C   . ILE A 1 67  ? 3.216   15.171  -4.616  1.00 38.84 ? 67  ILE A C   1 
ATOM   491 O  O   . ILE A 1 67  ? 2.778   15.994  -3.819  1.00 39.25 ? 67  ILE A O   1 
ATOM   492 C  CB  . ILE A 1 67  ? 3.556   12.777  -3.658  1.00 41.40 ? 67  ILE A CB  1 
ATOM   493 C  CG1 . ILE A 1 67  ? 2.853   12.062  -4.791  1.00 48.07 ? 67  ILE A CG1 1 
ATOM   494 C  CG2 . ILE A 1 67  ? 2.525   13.039  -2.580  1.00 43.72 ? 67  ILE A CG2 1 
ATOM   495 C  CD1 . ILE A 1 67  ? 1.991   10.919  -4.314  1.00 52.36 ? 67  ILE A CD1 1 
ATOM   496 N  N   . GLY A 1 68  ? 2.905   15.223  -5.904  1.00 35.74 ? 68  GLY A N   1 
ATOM   497 C  CA  . GLY A 1 68  ? 1.941   16.213  -6.367  1.00 35.26 ? 68  GLY A CA  1 
ATOM   498 C  C   . GLY A 1 68  ? 0.532   15.643  -6.330  1.00 34.08 ? 68  GLY A C   1 
ATOM   499 O  O   . GLY A 1 68  ? 0.352   14.428  -6.209  1.00 35.32 ? 68  GLY A O   1 
ATOM   500 N  N   . GLY A 1 69  ? -0.471  16.488  -6.527  1.00 31.41 ? 69  GLY A N   1 
ATOM   501 C  CA  . GLY A 1 69  ? -1.839  16.004  -6.485  1.00 29.35 ? 69  GLY A CA  1 
ATOM   502 C  C   . GLY A 1 69  ? -2.143  14.951  -7.537  1.00 31.02 ? 69  GLY A C   1 
ATOM   503 O  O   . GLY A 1 69  ? -2.908  14.020  -7.292  1.00 35.75 ? 69  GLY A O   1 
ATOM   504 N  N   . ALA A 1 70  ? -1.580  15.095  -8.726  1.00 28.90 ? 70  ALA A N   1 
ATOM   505 C  CA  . ALA A 1 70  ? -1.853  14.121  -9.762  1.00 28.66 ? 70  ALA A CA  1 
ATOM   506 C  C   . ALA A 1 70  ? -1.213  12.788  -9.374  1.00 29.02 ? 70  ALA A C   1 
ATOM   507 O  O   . ALA A 1 70  ? -1.801  11.725  -9.607  1.00 30.14 ? 70  ALA A O   1 
ATOM   508 C  CB  . ALA A 1 70  ? -1.334  14.597  -11.089 1.00 27.26 ? 70  ALA A CB  1 
ATOM   509 N  N   . GLN A 1 71  ? -0.012  12.841  -8.798  1.00 23.61 ? 71  GLN A N   1 
ATOM   510 C  CA  . GLN A 1 71  ? 0.668   11.618  -8.376  1.00 30.54 ? 71  GLN A CA  1 
ATOM   511 C  C   . GLN A 1 71  ? -0.124  10.893  -7.254  1.00 32.11 ? 71  GLN A C   1 
ATOM   512 O  O   . GLN A 1 71  ? -0.334  9.679   -7.307  1.00 29.56 ? 71  GLN A O   1 
ATOM   513 C  CB  . GLN A 1 71  ? 2.097   11.919  -7.921  1.00 28.88 ? 71  GLN A CB  1 
ATOM   514 C  CG  . GLN A 1 71  ? 3.033   12.265  -9.039  1.00 29.88 ? 71  GLN A CG  1 
ATOM   515 C  CD  . GLN A 1 71  ? 4.406   12.660  -8.522  1.00 31.48 ? 71  GLN A CD  1 
ATOM   516 O  OE1 . GLN A 1 71  ? 4.559   13.645  -7.769  1.00 28.53 ? 71  GLN A OE1 1 
ATOM   517 N  NE2 . GLN A 1 71  ? 5.411   11.899  -8.912  1.00 27.49 ? 71  GLN A NE2 1 
ATOM   518 N  N   . ASN A 1 72  ? -0.562  11.654  -6.250  1.00 33.40 ? 72  ASN A N   1 
ATOM   519 C  CA  . ASN A 1 72  ? -1.351  11.128  -5.146  1.00 36.41 ? 72  ASN A CA  1 
ATOM   520 C  C   . ASN A 1 72  ? -2.527  10.355  -5.726  1.00 40.25 ? 72  ASN A C   1 
ATOM   521 O  O   . ASN A 1 72  ? -2.722  9.182   -5.397  1.00 39.16 ? 72  ASN A O   1 
ATOM   522 C  CB  . ASN A 1 72  ? -1.879  12.279  -4.312  1.00 40.58 ? 72  ASN A CB  1 
ATOM   523 C  CG  . ASN A 1 72  ? -2.691  11.821  -3.116  1.00 45.40 ? 72  ASN A CG  1 
ATOM   524 O  OD1 . ASN A 1 72  ? -3.722  11.164  -3.253  1.00 51.62 ? 72  ASN A OD1 1 
ATOM   525 N  ND2 . ASN A 1 72  ? -2.245  12.203  -1.931  1.00 47.83 ? 72  ASN A ND2 1 
ATOM   526 N  N   . ARG A 1 73  ? -3.299  11.014  -6.594  1.00 39.56 ? 73  ARG A N   1 
ATOM   527 C  CA  . ARG A 1 73  ? -4.438  10.382  -7.241  1.00 42.28 ? 73  ARG A CA  1 
ATOM   528 C  C   . ARG A 1 73  ? -4.000  9.092   -7.952  1.00 42.30 ? 73  ARG A C   1 
ATOM   529 O  O   . ARG A 1 73  ? -4.550  8.015   -7.701  1.00 43.04 ? 73  ARG A O   1 
ATOM   530 C  CB  . ARG A 1 73  ? -5.084  11.325  -8.271  1.00 50.01 ? 73  ARG A CB  1 
ATOM   531 C  CG  . ARG A 1 73  ? -5.648  12.639  -7.720  1.00 59.06 ? 73  ARG A CG  1 
ATOM   532 C  CD  . ARG A 1 73  ? -5.983  13.636  -8.848  1.00 65.71 ? 73  ARG A CD  1 
ATOM   533 N  NE  . ARG A 1 73  ? -7.301  13.435  -9.457  1.00 72.55 ? 73  ARG A NE  1 
ATOM   534 C  CZ  . ARG A 1 73  ? -8.331  14.280  -9.328  1.00 77.26 ? 73  ARG A CZ  1 
ATOM   535 N  NH1 . ARG A 1 73  ? -8.212  15.393  -8.609  1.00 79.19 ? 73  ARG A NH1 1 
ATOM   536 N  NH2 . ARG A 1 73  ? -9.487  14.022  -9.934  1.00 78.74 ? 73  ARG A NH2 1 
ATOM   537 N  N   . ASN A 1 74  ? -2.993  9.195   -8.812  1.00 39.25 ? 74  ASN A N   1 
ATOM   538 C  CA  . ASN A 1 74  ? -2.513  8.040   -9.567  1.00 37.88 ? 74  ASN A CA  1 
ATOM   539 C  C   . ASN A 1 74  ? -1.963  6.910   -8.685  1.00 33.26 ? 74  ASN A C   1 
ATOM   540 O  O   . ASN A 1 74  ? -2.136  5.734   -9.006  1.00 32.16 ? 74  ASN A O   1 
ATOM   541 C  CB  . ASN A 1 74  ? -1.459  8.488   -10.582 1.00 44.68 ? 74  ASN A CB  1 
ATOM   542 C  CG  . ASN A 1 74  ? -1.184  7.435   -11.649 1.00 56.61 ? 74  ASN A CG  1 
ATOM   543 O  OD1 . ASN A 1 74  ? -2.053  7.128   -12.476 1.00 62.36 ? 74  ASN A OD1 1 
ATOM   544 N  ND2 . ASN A 1 74  ? 0.035   6.894   -11.653 1.00 58.80 ? 74  ASN A ND2 1 
ATOM   545 N  N   . TYR A 1 75  ? -1.318  7.256   -7.580  1.00 28.20 ? 75  TYR A N   1 
ATOM   546 C  CA  . TYR A 1 75  ? -0.760  6.250   -6.682  1.00 29.22 ? 75  TYR A CA  1 
ATOM   547 C  C   . TYR A 1 75  ? -1.853  5.515   -5.908  1.00 28.73 ? 75  TYR A C   1 
ATOM   548 O  O   . TYR A 1 75  ? -1.832  4.283   -5.818  1.00 29.24 ? 75  TYR A O   1 
ATOM   549 C  CB  . TYR A 1 75  ? 0.280   6.844   -5.713  1.00 25.41 ? 75  TYR A CB  1 
ATOM   550 C  CG  . TYR A 1 75  ? 1.578   7.250   -6.382  1.00 30.77 ? 75  TYR A CG  1 
ATOM   551 C  CD1 . TYR A 1 75  ? 1.735   7.091   -7.772  1.00 33.05 ? 75  TYR A CD1 1 
ATOM   552 C  CD2 . TYR A 1 75  ? 2.611   7.861   -5.658  1.00 26.68 ? 75  TYR A CD2 1 
ATOM   553 C  CE1 . TYR A 1 75  ? 2.857   7.536   -8.429  1.00 33.77 ? 75  TYR A CE1 1 
ATOM   554 C  CE2 . TYR A 1 75  ? 3.763   8.310   -6.303  1.00 33.77 ? 75  TYR A CE2 1 
ATOM   555 C  CZ  . TYR A 1 75  ? 3.873   8.153   -7.699  1.00 37.54 ? 75  TYR A CZ  1 
ATOM   556 O  OH  . TYR A 1 75  ? 4.955   8.633   -8.410  1.00 40.43 ? 75  TYR A OH  1 
ATOM   557 N  N   . SER A 1 76  ? -2.801  6.273   -5.361  1.00 27.79 ? 76  SER A N   1 
ATOM   558 C  CA  . SER A 1 76  ? -3.925  5.740   -4.596  1.00 28.17 ? 76  SER A CA  1 
ATOM   559 C  C   . SER A 1 76  ? -4.748  4.767   -5.459  1.00 33.05 ? 76  SER A C   1 
ATOM   560 O  O   . SER A 1 76  ? -4.992  3.624   -5.072  1.00 33.24 ? 76  SER A O   1 
ATOM   561 C  CB  . SER A 1 76  ? -4.789  6.905   -4.153  1.00 25.36 ? 76  SER A CB  1 
ATOM   562 O  OG  . SER A 1 76  ? -4.021  7.814   -3.378  1.00 29.34 ? 76  SER A OG  1 
ATOM   563 N  N   . LYS A 1 77  ? -5.146  5.215   -6.649  1.00 33.95 ? 77  LYS A N   1 
ATOM   564 C  CA  . LYS A 1 77  ? -5.897  4.364   -7.571  1.00 37.19 ? 77  LYS A CA  1 
ATOM   565 C  C   . LYS A 1 77  ? -5.181  3.042   -7.814  1.00 34.67 ? 77  LYS A C   1 
ATOM   566 O  O   . LYS A 1 77  ? -5.757  1.974   -7.612  1.00 34.09 ? 77  LYS A O   1 
ATOM   567 C  CB  . LYS A 1 77  ? -6.114  5.058   -8.934  1.00 39.06 ? 77  LYS A CB  1 
ATOM   568 C  CG  . LYS A 1 77  ? -6.951  6.315   -8.839  1.00 48.17 ? 77  LYS A CG  1 
ATOM   569 C  CD  . LYS A 1 77  ? -7.505  6.728   -10.181 1.00 56.93 ? 77  LYS A CD  1 
ATOM   570 C  CE  . LYS A 1 77  ? -8.319  8.005   -10.039 1.00 61.28 ? 77  LYS A CE  1 
ATOM   571 N  NZ  . LYS A 1 77  ? -9.401  7.827   -9.028  1.00 69.20 ? 77  LYS A NZ  1 
ATOM   572 N  N   . LEU A 1 78  ? -3.926  3.131   -8.243  1.00 33.25 ? 78  LEU A N   1 
ATOM   573 C  CA  . LEU A 1 78  ? -3.141  1.939   -8.545  1.00 34.43 ? 78  LEU A CA  1 
ATOM   574 C  C   . LEU A 1 78  ? -2.965  1.052   -7.324  1.00 34.63 ? 78  LEU A C   1 
ATOM   575 O  O   . LEU A 1 78  ? -3.208  -0.158  -7.376  1.00 33.89 ? 78  LEU A O   1 
ATOM   576 C  CB  . LEU A 1 78  ? -1.755  2.327   -9.078  1.00 37.18 ? 78  LEU A CB  1 
ATOM   577 C  CG  . LEU A 1 78  ? -0.834  1.155   -9.428  1.00 39.43 ? 78  LEU A CG  1 
ATOM   578 C  CD1 . LEU A 1 78  ? -1.013  0.812   -10.886 1.00 47.34 ? 78  LEU A CD1 1 
ATOM   579 C  CD2 . LEU A 1 78  ? 0.602   1.507   -9.174  1.00 40.61 ? 78  LEU A CD2 1 
ATOM   580 N  N   . LEU A 1 79  ? -2.571  1.670   -6.221  1.00 31.06 ? 79  LEU A N   1 
ATOM   581 C  CA  . LEU A 1 79  ? -2.323  0.927   -5.007  1.00 32.42 ? 79  LEU A CA  1 
ATOM   582 C  C   . LEU A 1 79  ? -3.568  0.350   -4.322  1.00 32.28 ? 79  LEU A C   1 
ATOM   583 O  O   . LEU A 1 79  ? -3.526  -0.796  -3.856  1.00 30.97 ? 79  LEU A O   1 
ATOM   584 C  CB  . LEU A 1 79  ? -1.424  1.734   -4.053  1.00 30.62 ? 79  LEU A CB  1 
ATOM   585 C  CG  . LEU A 1 79  ? -0.051  2.025   -4.658  1.00 29.35 ? 79  LEU A CG  1 
ATOM   586 C  CD1 . LEU A 1 79  ? 0.645   3.121   -3.869  1.00 27.80 ? 79  LEU A CD1 1 
ATOM   587 C  CD2 . LEU A 1 79  ? 0.798   0.750   -4.768  1.00 24.66 ? 79  LEU A CD2 1 
ATOM   588 N  N   . CYS A 1 80  ? -4.664  1.102   -4.268  1.00 29.29 ? 80  CYS A N   1 
ATOM   589 C  CA  . CYS A 1 80  ? -5.869  0.580   -3.661  1.00 31.82 ? 80  CYS A CA  1 
ATOM   590 C  C   . CYS A 1 80  ? -6.399  -0.615  -4.479  1.00 34.23 ? 80  CYS A C   1 
ATOM   591 O  O   . CYS A 1 80  ? -6.773  -1.656  -3.913  1.00 32.22 ? 80  CYS A O   1 
ATOM   592 C  CB  . CYS A 1 80  ? -6.940  1.658   -3.568  1.00 34.74 ? 80  CYS A CB  1 
ATOM   593 S  SG  . CYS A 1 80  ? -6.583  2.962   -2.374  1.00 55.22 ? 80  CYS A SG  1 
ATOM   594 N  N   . GLY A 1 81  ? -6.372  -0.475  -5.813  1.00 29.63 ? 81  GLY A N   1 
ATOM   595 C  CA  . GLY A 1 81  ? -6.862  -1.514  -6.702  1.00 26.93 ? 81  GLY A CA  1 
ATOM   596 C  C   . GLY A 1 81  ? -6.081  -2.805  -6.604  1.00 27.90 ? 81  GLY A C   1 
ATOM   597 O  O   . GLY A 1 81  ? -6.650  -3.885  -6.660  1.00 25.45 ? 81  GLY A O   1 
ATOM   598 N  N   . LEU A 1 82  ? -4.773  -2.676  -6.448  1.00 27.80 ? 82  LEU A N   1 
ATOM   599 C  CA  . LEU A 1 82  ? -3.901  -3.822  -6.339  1.00 29.91 ? 82  LEU A CA  1 
ATOM   600 C  C   . LEU A 1 82  ? -4.213  -4.541  -5.033  1.00 32.64 ? 82  LEU A C   1 
ATOM   601 O  O   . LEU A 1 82  ? -4.461  -5.738  -5.040  1.00 34.56 ? 82  LEU A O   1 
ATOM   602 C  CB  . LEU A 1 82  ? -2.446  -3.365  -6.390  1.00 29.26 ? 82  LEU A CB  1 
ATOM   603 C  CG  . LEU A 1 82  ? -1.407  -4.476  -6.487  1.00 34.24 ? 82  LEU A CG  1 
ATOM   604 C  CD1 . LEU A 1 82  ? -1.808  -5.516  -7.540  1.00 34.92 ? 82  LEU A CD1 1 
ATOM   605 C  CD2 . LEU A 1 82  ? -0.041  -3.884  -6.820  1.00 34.48 ? 82  LEU A CD2 1 
ATOM   606 N  N   . LEU A 1 83  ? -4.319  -3.782  -3.941  1.00 33.85 ? 83  LEU A N   1 
ATOM   607 C  CA  . LEU A 1 83  ? -4.612  -4.324  -2.618  1.00 31.07 ? 83  LEU A CA  1 
ATOM   608 C  C   . LEU A 1 83  ? -6.022  -4.941  -2.514  1.00 31.63 ? 83  LEU A C   1 
ATOM   609 O  O   . LEU A 1 83  ? -6.212  -6.008  -1.908  1.00 29.98 ? 83  LEU A O   1 
ATOM   610 C  CB  . LEU A 1 83  ? -4.419  -3.235  -1.543  1.00 32.72 ? 83  LEU A CB  1 
ATOM   611 C  CG  . LEU A 1 83  ? -3.007  -2.635  -1.373  1.00 36.15 ? 83  LEU A CG  1 
ATOM   612 C  CD1 . LEU A 1 83  ? -2.993  -1.642  -0.240  1.00 33.70 ? 83  LEU A CD1 1 
ATOM   613 C  CD2 . LEU A 1 83  ? -1.975  -3.730  -1.119  1.00 35.62 ? 83  LEU A CD2 1 
ATOM   614 N  N   . SER A 1 84  ? -7.016  -4.276  -3.081  1.00 30.85 ? 84  SER A N   1 
ATOM   615 C  CA  . SER A 1 84  ? -8.362  -4.815  -3.020  1.00 34.83 ? 84  SER A CA  1 
ATOM   616 C  C   . SER A 1 84  ? -8.425  -6.114  -3.834  1.00 35.56 ? 84  SER A C   1 
ATOM   617 O  O   . SER A 1 84  ? -8.874  -7.136  -3.322  1.00 37.46 ? 84  SER A O   1 
ATOM   618 C  CB  . SER A 1 84  ? -9.397  -3.792  -3.504  1.00 36.02 ? 84  SER A CB  1 
ATOM   619 O  OG  . SER A 1 84  ? -9.248  -3.508  -4.880  1.00 50.02 ? 84  SER A OG  1 
ATOM   620 N  N   . ASP A 1 85  ? -7.873  -6.121  -5.045  1.00 35.16 ? 85  ASP A N   1 
ATOM   621 C  CA  . ASP A 1 85  ? -7.919  -7.331  -5.851  1.00 37.72 ? 85  ASP A CA  1 
ATOM   622 C  C   . ASP A 1 85  ? -7.192  -8.515  -5.255  1.00 37.75 ? 85  ASP A C   1 
ATOM   623 O  O   . ASP A 1 85  ? -7.790  -9.588  -5.099  1.00 41.22 ? 85  ASP A O   1 
ATOM   624 C  CB  . ASP A 1 85  ? -7.404  -7.100  -7.276  1.00 42.68 ? 85  ASP A CB  1 
ATOM   625 C  CG  . ASP A 1 85  ? -8.302  -6.186  -8.084  1.00 52.29 ? 85  ASP A CG  1 
ATOM   626 O  OD1 . ASP A 1 85  ? -9.347  -5.695  -7.574  1.00 58.76 ? 85  ASP A OD1 1 
ATOM   627 O  OD2 . ASP A 1 85  ? -7.939  -5.945  -9.250  1.00 60.16 ? 85  ASP A OD2 1 
ATOM   628 N  N   . ARG A 1 86  ? -5.920  -8.338  -4.914  1.00 32.93 ? 86  ARG A N   1 
ATOM   629 C  CA  . ARG A 1 86  ? -5.134  -9.447  -4.374  1.00 32.35 ? 86  ARG A CA  1 
ATOM   630 C  C   . ARG A 1 86  ? -5.473  -9.885  -2.947  1.00 33.05 ? 86  ARG A C   1 
ATOM   631 O  O   . ARG A 1 86  ? -5.410  -11.069 -2.632  1.00 35.34 ? 86  ARG A O   1 
ATOM   632 C  CB  . ARG A 1 86  ? -3.627  -9.163  -4.501  1.00 30.57 ? 86  ARG A CB  1 
ATOM   633 C  CG  . ARG A 1 86  ? -3.175  -8.897  -5.938  1.00 35.17 ? 86  ARG A CG  1 
ATOM   634 C  CD  . ARG A 1 86  ? -2.947  -10.160 -6.728  1.00 41.86 ? 86  ARG A CD  1 
ATOM   635 N  NE  . ARG A 1 86  ? -1.625  -10.698 -6.419  1.00 61.49 ? 86  ARG A NE  1 
ATOM   636 C  CZ  . ARG A 1 86  ? -1.219  -11.956 -6.617  1.00 68.21 ? 86  ARG A CZ  1 
ATOM   637 N  NH1 . ARG A 1 86  ? -2.044  -12.875 -7.150  1.00 66.30 ? 86  ARG A NH1 1 
ATOM   638 N  NH2 . ARG A 1 86  ? 0.035   -12.290 -6.279  1.00 64.11 ? 86  ARG A NH2 1 
ATOM   639 N  N   . LEU A 1 87  ? -5.912  -8.955  -2.108  1.00 30.02 ? 87  LEU A N   1 
ATOM   640 C  CA  . LEU A 1 87  ? -6.175  -9.294  -0.730  1.00 27.50 ? 87  LEU A CA  1 
ATOM   641 C  C   . LEU A 1 87  ? -7.632  -9.264  -0.409  1.00 27.11 ? 87  LEU A C   1 
ATOM   642 O  O   . LEU A 1 87  ? -8.000  -9.480  0.735   1.00 30.39 ? 87  LEU A O   1 
ATOM   643 C  CB  . LEU A 1 87  ? -5.413  -8.348  0.233   1.00 28.08 ? 87  LEU A CB  1 
ATOM   644 C  CG  . LEU A 1 87  ? -3.883  -8.145  0.155   1.00 30.50 ? 87  LEU A CG  1 
ATOM   645 C  CD1 . LEU A 1 87  ? -3.397  -7.190  1.274   1.00 22.00 ? 87  LEU A CD1 1 
ATOM   646 C  CD2 . LEU A 1 87  ? -3.125  -9.491  0.248   1.00 29.65 ? 87  LEU A CD2 1 
ATOM   647 N  N   . HIS A 1 88  ? -8.467  -8.941  -1.392  1.00 28.22 ? 88  HIS A N   1 
ATOM   648 C  CA  . HIS A 1 88  ? -9.915  -8.886  -1.187  1.00 29.92 ? 88  HIS A CA  1 
ATOM   649 C  C   . HIS A 1 88  ? -10.400 -7.994  -0.018  1.00 31.47 ? 88  HIS A C   1 
ATOM   650 O  O   . HIS A 1 88  ? -10.950 -8.466  0.984   1.00 32.39 ? 88  HIS A O   1 
ATOM   651 C  CB  . HIS A 1 88  ? -10.495 -10.308 -1.059  1.00 37.12 ? 88  HIS A CB  1 
ATOM   652 C  CG  . HIS A 1 88  ? -10.071 -11.235 -2.156  1.00 41.94 ? 88  HIS A CG  1 
ATOM   653 N  ND1 . HIS A 1 88  ? -9.460  -12.448 -1.918  1.00 43.75 ? 88  HIS A ND1 1 
ATOM   654 C  CD2 . HIS A 1 88  ? -10.132 -11.107 -3.504  1.00 44.87 ? 88  HIS A CD2 1 
ATOM   655 C  CE1 . HIS A 1 88  ? -9.165  -13.030 -3.066  1.00 44.30 ? 88  HIS A CE1 1 
ATOM   656 N  NE2 . HIS A 1 88  ? -9.560  -12.236 -4.044  1.00 48.37 ? 88  HIS A NE2 1 
ATOM   657 N  N   . ILE A 1 89  ? -10.178 -6.697  -0.171  1.00 30.27 ? 89  ILE A N   1 
ATOM   658 C  CA  . ILE A 1 89  ? -10.592 -5.682  0.790   1.00 27.78 ? 89  ILE A CA  1 
ATOM   659 C  C   . ILE A 1 89  ? -11.426 -4.766  -0.110  1.00 29.04 ? 89  ILE A C   1 
ATOM   660 O  O   . ILE A 1 89  ? -11.108 -4.614  -1.288  1.00 29.43 ? 89  ILE A O   1 
ATOM   661 C  CB  . ILE A 1 89  ? -9.378  -4.849  1.294   1.00 27.03 ? 89  ILE A CB  1 
ATOM   662 C  CG1 . ILE A 1 89  ? -8.332  -5.762  1.939   1.00 28.71 ? 89  ILE A CG1 1 
ATOM   663 C  CG2 . ILE A 1 89  ? -9.845  -3.757  2.251   1.00 21.96 ? 89  ILE A CG2 1 
ATOM   664 C  CD1 . ILE A 1 89  ? -6.993  -5.074  2.216   1.00 28.83 ? 89  ILE A CD1 1 
ATOM   665 N  N   . SER A 1 90  ? -12.495 -4.183  0.417   1.00 31.88 ? 90  SER A N   1 
ATOM   666 C  CA  . SER A 1 90  ? -13.332 -3.275  -0.365  1.00 33.70 ? 90  SER A CA  1 
ATOM   667 C  C   . SER A 1 90  ? -12.472 -2.041  -0.592  1.00 32.82 ? 90  SER A C   1 
ATOM   668 O  O   . SER A 1 90  ? -11.769 -1.603  0.314   1.00 28.78 ? 90  SER A O   1 
ATOM   669 C  CB  . SER A 1 90  ? -14.581 -2.901  0.432   1.00 35.38 ? 90  SER A CB  1 
ATOM   670 O  OG  . SER A 1 90  ? -14.855 -1.517  0.325   1.00 46.72 ? 90  SER A OG  1 
ATOM   671 N  N   . PRO A 1 91  ? -12.477 -1.494  -1.818  1.00 34.40 ? 91  PRO A N   1 
ATOM   672 C  CA  . PRO A 1 91  ? -11.672 -0.308  -2.121  1.00 32.33 ? 91  PRO A CA  1 
ATOM   673 C  C   . PRO A 1 91  ? -11.853 0.836   -1.134  1.00 33.49 ? 91  PRO A C   1 
ATOM   674 O  O   . PRO A 1 91  ? -10.880 1.502   -0.771  1.00 35.87 ? 91  PRO A O   1 
ATOM   675 C  CB  . PRO A 1 91  ? -12.101 0.057   -3.551  1.00 32.03 ? 91  PRO A CB  1 
ATOM   676 C  CG  . PRO A 1 91  ? -13.427 -0.640  -3.728  1.00 35.33 ? 91  PRO A CG  1 
ATOM   677 C  CD  . PRO A 1 91  ? -13.206 -1.948  -3.008  1.00 33.78 ? 91  PRO A CD  1 
ATOM   678 N  N   . ASP A 1 92  ? -13.068 1.025   -0.622  1.00 32.41 ? 92  ASP A N   1 
ATOM   679 C  CA  . ASP A 1 92  ? -13.273 2.102   0.333   1.00 29.93 ? 92  ASP A CA  1 
ATOM   680 C  C   . ASP A 1 92  ? -12.712 1.803   1.716   1.00 26.94 ? 92  ASP A C   1 
ATOM   681 O  O   . ASP A 1 92  ? -12.879 2.592   2.633   1.00 27.58 ? 92  ASP A O   1 
ATOM   682 C  CB  . ASP A 1 92  ? -14.743 2.529   0.417   1.00 34.12 ? 92  ASP A CB  1 
ATOM   683 C  CG  . ASP A 1 92  ? -15.696 1.361   0.592   1.00 42.90 ? 92  ASP A CG  1 
ATOM   684 O  OD1 . ASP A 1 92  ? -15.652 0.679   1.641   1.00 45.32 ? 92  ASP A OD1 1 
ATOM   685 O  OD2 . ASP A 1 92  ? -16.523 1.139   -0.320  1.00 51.28 ? 92  ASP A OD2 1 
ATOM   686 N  N   . ARG A 1 93  ? -12.037 0.675   1.862   1.00 25.22 ? 93  ARG A N   1 
ATOM   687 C  CA  . ARG A 1 93  ? -11.466 0.310   3.145   1.00 26.01 ? 93  ARG A CA  1 
ATOM   688 C  C   . ARG A 1 93  ? -9.931  0.273   3.163   1.00 26.91 ? 93  ARG A C   1 
ATOM   689 O  O   . ARG A 1 93  ? -9.313  -0.250  4.115   1.00 22.55 ? 93  ARG A O   1 
ATOM   690 C  CB  . ARG A 1 93  ? -12.029 -1.025  3.621   1.00 25.92 ? 93  ARG A CB  1 
ATOM   691 C  CG  . ARG A 1 93  ? -13.400 -0.947  4.238   1.00 25.76 ? 93  ARG A CG  1 
ATOM   692 C  CD  . ARG A 1 93  ? -13.525 -2.007  5.334   1.00 24.36 ? 93  ARG A CD  1 
ATOM   693 N  NE  . ARG A 1 93  ? -14.336 -1.432  6.376   1.00 28.90 ? 93  ARG A NE  1 
ATOM   694 C  CZ  . ARG A 1 93  ? -14.200 -1.633  7.671   1.00 19.09 ? 93  ARG A CZ  1 
ATOM   695 N  NH1 . ARG A 1 93  ? -13.257 -2.414  8.178   1.00 23.42 ? 93  ARG A NH1 1 
ATOM   696 N  NH2 . ARG A 1 93  ? -15.086 -1.080  8.454   1.00 33.60 ? 93  ARG A NH2 1 
ATOM   697 N  N   . VAL A 1 94  ? -9.327  0.797   2.098   1.00 26.26 ? 94  VAL A N   1 
ATOM   698 C  CA  . VAL A 1 94  ? -7.870  0.883   1.971   1.00 27.45 ? 94  VAL A CA  1 
ATOM   699 C  C   . VAL A 1 94  ? -7.485  2.351   2.085   1.00 28.50 ? 94  VAL A C   1 
ATOM   700 O  O   . VAL A 1 94  ? -7.797  3.124   1.202   1.00 36.48 ? 94  VAL A O   1 
ATOM   701 C  CB  . VAL A 1 94  ? -7.388  0.384   0.605   1.00 25.71 ? 94  VAL A CB  1 
ATOM   702 C  CG1 . VAL A 1 94  ? -5.885  0.609   0.468   1.00 25.59 ? 94  VAL A CG1 1 
ATOM   703 C  CG2 . VAL A 1 94  ? -7.727  -1.074  0.426   1.00 19.97 ? 94  VAL A CG2 1 
ATOM   704 N  N   . TYR A 1 95  ? -6.794  2.728   3.143   1.00 28.91 ? 95  TYR A N   1 
ATOM   705 C  CA  . TYR A 1 95  ? -6.401  4.118   3.330   1.00 30.22 ? 95  TYR A CA  1 
ATOM   706 C  C   . TYR A 1 95  ? -4.888  4.267   3.187   1.00 29.18 ? 95  TYR A C   1 
ATOM   707 O  O   . TYR A 1 95  ? -4.137  3.463   3.745   1.00 27.45 ? 95  TYR A O   1 
ATOM   708 C  CB  . TYR A 1 95  ? -6.829  4.639   4.715   1.00 31.51 ? 95  TYR A CB  1 
ATOM   709 C  CG  . TYR A 1 95  ? -6.828  6.148   4.807   1.00 32.68 ? 95  TYR A CG  1 
ATOM   710 C  CD1 . TYR A 1 95  ? -7.930  6.878   4.372   1.00 34.99 ? 95  TYR A CD1 1 
ATOM   711 C  CD2 . TYR A 1 95  ? -5.730  6.843   5.298   1.00 31.18 ? 95  TYR A CD2 1 
ATOM   712 C  CE1 . TYR A 1 95  ? -7.942  8.257   4.429   1.00 39.96 ? 95  TYR A CE1 1 
ATOM   713 C  CE2 . TYR A 1 95  ? -5.727  8.235   5.359   1.00 35.80 ? 95  TYR A CE2 1 
ATOM   714 C  CZ  . TYR A 1 95  ? -6.838  8.941   4.924   1.00 40.41 ? 95  TYR A CZ  1 
ATOM   715 O  OH  . TYR A 1 95  ? -6.877  10.327  4.995   1.00 46.63 ? 95  TYR A OH  1 
ATOM   716 N  N   . ILE A 1 96  ? -4.461  5.293   2.438   1.00 25.24 ? 96  ILE A N   1 
ATOM   717 C  CA  . ILE A 1 96  ? -3.045  5.574   2.220   1.00 20.73 ? 96  ILE A CA  1 
ATOM   718 C  C   . ILE A 1 96  ? -2.594  6.991   2.592   1.00 20.32 ? 96  ILE A C   1 
ATOM   719 O  O   . ILE A 1 96  ? -3.109  7.962   2.088   1.00 22.40 ? 96  ILE A O   1 
ATOM   720 C  CB  . ILE A 1 96  ? -2.677  5.375   0.757   1.00 21.59 ? 96  ILE A CB  1 
ATOM   721 C  CG1 . ILE A 1 96  ? -3.125  3.996   0.276   1.00 23.11 ? 96  ILE A CG1 1 
ATOM   722 C  CG2 . ILE A 1 96  ? -1.176  5.571   0.561   1.00 18.94 ? 96  ILE A CG2 1 
ATOM   723 C  CD1 . ILE A 1 96  ? -3.007  3.826   -1.202  1.00 23.37 ? 96  ILE A CD1 1 
ATOM   724 N  N   . ASN A 1 97  ? -1.621  7.105   3.466   1.00 17.27 ? 97  ASN A N   1 
ATOM   725 C  CA  . ASN A 1 97  ? -1.084  8.395   3.807   1.00 20.06 ? 97  ASN A CA  1 
ATOM   726 C  C   . ASN A 1 97  ? 0.276   8.527   3.080   1.00 23.64 ? 97  ASN A C   1 
ATOM   727 O  O   . ASN A 1 97  ? 1.009   7.520   2.914   1.00 19.93 ? 97  ASN A O   1 
ATOM   728 C  CB  . ASN A 1 97  ? -0.870  8.499   5.307   1.00 27.06 ? 97  ASN A CB  1 
ATOM   729 C  CG  . ASN A 1 97  ? -1.854  9.409   5.955   1.00 35.01 ? 97  ASN A CG  1 
ATOM   730 O  OD1 . ASN A 1 97  ? -3.038  9.406   5.615   1.00 38.29 ? 97  ASN A OD1 1 
ATOM   731 N  ND2 . ASN A 1 97  ? -1.366  10.261  6.841   1.00 43.20 ? 97  ASN A ND2 1 
ATOM   732 N  N   . TYR A 1 98  ? 0.589   9.749   2.616   1.00 18.10 ? 98  TYR A N   1 
ATOM   733 C  CA  . TYR A 1 98  ? 1.834   10.057  1.919   1.00 15.93 ? 98  TYR A CA  1 
ATOM   734 C  C   . TYR A 1 98  ? 2.713   10.944  2.786   1.00 18.35 ? 98  TYR A C   1 
ATOM   735 O  O   . TYR A 1 98  ? 2.256   11.935  3.343   1.00 21.25 ? 98  TYR A O   1 
ATOM   736 C  CB  . TYR A 1 98  ? 1.529   10.743  0.615   1.00 15.09 ? 98  TYR A CB  1 
ATOM   737 C  CG  . TYR A 1 98  ? 0.741   9.855   -0.299  1.00 17.31 ? 98  TYR A CG  1 
ATOM   738 C  CD1 . TYR A 1 98  ? 1.362   8.957   -1.128  1.00 11.32 ? 98  TYR A CD1 1 
ATOM   739 C  CD2 . TYR A 1 98  ? -0.654  9.901   -0.301  1.00 15.84 ? 98  TYR A CD2 1 
ATOM   740 C  CE1 . TYR A 1 98  ? 0.612   8.117   -1.923  1.00 14.67 ? 98  TYR A CE1 1 
ATOM   741 C  CE2 . TYR A 1 98  ? -1.383  9.086   -1.083  1.00 11.08 ? 98  TYR A CE2 1 
ATOM   742 C  CZ  . TYR A 1 98  ? -0.758  8.199   -1.890  1.00 12.28 ? 98  TYR A CZ  1 
ATOM   743 O  OH  . TYR A 1 98  ? -1.516  7.386   -2.679  1.00 22.66 ? 98  TYR A OH  1 
ATOM   744 N  N   . TYR A 1 99  ? 3.962   10.559  2.963   1.00 15.51 ? 99  TYR A N   1 
ATOM   745 C  CA  . TYR A 1 99  ? 4.833   11.315  3.817   1.00 20.78 ? 99  TYR A CA  1 
ATOM   746 C  C   . TYR A 1 99  ? 6.052   11.702  3.044   1.00 26.61 ? 99  TYR A C   1 
ATOM   747 O  O   . TYR A 1 99  ? 6.589   10.910  2.294   1.00 27.21 ? 99  TYR A O   1 
ATOM   748 C  CB  . TYR A 1 99  ? 5.246   10.450  4.993   1.00 19.54 ? 99  TYR A CB  1 
ATOM   749 C  CG  . TYR A 1 99  ? 4.113   10.154  5.928   1.00 22.51 ? 99  TYR A CG  1 
ATOM   750 C  CD1 . TYR A 1 99  ? 3.637   11.140  6.778   1.00 23.40 ? 99  TYR A CD1 1 
ATOM   751 C  CD2 . TYR A 1 99  ? 3.500   8.902   5.951   1.00 21.19 ? 99  TYR A CD2 1 
ATOM   752 C  CE1 . TYR A 1 99  ? 2.587   10.907  7.625   1.00 26.30 ? 99  TYR A CE1 1 
ATOM   753 C  CE2 . TYR A 1 99  ? 2.441   8.649   6.804   1.00 29.02 ? 99  TYR A CE2 1 
ATOM   754 C  CZ  . TYR A 1 99  ? 1.985   9.665   7.637   1.00 29.89 ? 99  TYR A CZ  1 
ATOM   755 O  OH  . TYR A 1 99  ? 0.910   9.479   8.475   1.00 37.16 ? 99  TYR A OH  1 
ATOM   756 N  N   . ASP A 1 100 ? 6.495   12.929  3.234   1.00 33.61 ? 100 ASP A N   1 
ATOM   757 C  CA  . ASP A 1 100 ? 7.686   13.416  2.574   1.00 39.50 ? 100 ASP A CA  1 
ATOM   758 C  C   . ASP A 1 100 ? 8.822   12.949  3.474   1.00 45.51 ? 100 ASP A C   1 
ATOM   759 O  O   . ASP A 1 100 ? 9.210   13.664  4.394   1.00 45.56 ? 100 ASP A O   1 
ATOM   760 C  CB  . ASP A 1 100 ? 7.630   14.934  2.506   1.00 41.63 ? 100 ASP A CB  1 
ATOM   761 C  CG  . ASP A 1 100 ? 8.711   15.513  1.650   1.00 47.91 ? 100 ASP A CG  1 
ATOM   762 O  OD1 . ASP A 1 100 ? 9.895   15.170  1.881   1.00 46.34 ? 100 ASP A OD1 1 
ATOM   763 O  OD2 . ASP A 1 100 ? 8.372   16.317  0.752   1.00 53.07 ? 100 ASP A OD2 1 
ATOM   764 N  N   . ALA A 1 101 ? 9.280   11.712  3.249   1.00 51.65 ? 101 ALA A N   1 
ATOM   765 C  CA  . ALA A 1 101 ? 10.358  11.061  4.011   1.00 55.88 ? 101 ALA A CA  1 
ATOM   766 C  C   . ALA A 1 101 ? 11.514  11.960  4.399   1.00 60.23 ? 101 ALA A C   1 
ATOM   767 O  O   . ALA A 1 101 ? 12.324  11.602  5.260   1.00 62.69 ? 101 ALA A O   1 
ATOM   768 C  CB  . ALA A 1 101 ? 10.886  9.825   3.275   1.00 56.52 ? 101 ALA A CB  1 
ATOM   769 N  N   . ASN A 1 102 ? 11.649  13.084  3.714   1.00 63.14 ? 102 ASN A N   1 
ATOM   770 C  CA  . ASN A 1 102 ? 12.693  14.020  4.064   1.00 66.32 ? 102 ASN A CA  1 
ATOM   771 C  C   . ASN A 1 102 ? 12.142  15.416  3.956   1.00 67.41 ? 102 ASN A C   1 
ATOM   772 O  O   . ASN A 1 102 ? 12.339  16.093  2.940   1.00 70.10 ? 102 ASN A O   1 
ATOM   773 C  CB  . ASN A 1 102 ? 13.932  13.879  3.185   1.00 70.08 ? 102 ASN A CB  1 
ATOM   774 C  CG  . ASN A 1 102 ? 15.123  14.671  3.724   1.00 73.30 ? 102 ASN A CG  1 
ATOM   775 O  OD1 . ASN A 1 102 ? 16.236  14.548  3.214   1.00 76.14 ? 102 ASN A OD1 1 
ATOM   776 N  ND2 . ASN A 1 102 ? 14.902  15.464  4.777   1.00 73.48 ? 102 ASN A ND2 1 
ATOM   777 N  N   . ALA A 1 103 ? 11.371  15.787  4.968   1.00 64.63 ? 103 ALA A N   1 
ATOM   778 C  CA  . ALA A 1 103 ? 10.772  17.096  5.086   1.00 62.39 ? 103 ALA A CA  1 
ATOM   779 C  C   . ALA A 1 103 ? 10.567  17.219  6.578   1.00 63.86 ? 103 ALA A C   1 
ATOM   780 O  O   . ALA A 1 103 ? 9.548   16.690  7.065   1.00 63.69 ? 103 ALA A O   1 
ATOM   781 C  CB  . ALA A 1 103 ? 9.447   17.151  4.370   1.00 63.55 ? 103 ALA A CB  1 
# 
